data_4CLR
#
_entry.id   4CLR
#
_cell.length_a   74.346
_cell.length_b   90.775
_cell.length_c   84.378
_cell.angle_alpha   90.00
_cell.angle_beta   115.27
_cell.angle_gamma   90.00
#
_symmetry.space_group_name_H-M   'P 1 21 1'
#
loop_
_entity.id
_entity.type
_entity.pdbx_description
1 polymer 'PTERIDINE REDUCTASE 1'
2 polymer 'PTERIDINE REDUCTASE 1'
3 non-polymer 'NADP NICOTINAMIDE-ADENINE-DINUCLEOTIDE PHOSPHATE'
4 non-polymer 2-amino-5-methyl-3H-pyrrolo[2,3-d]pyrimidin-4(7H)-one
5 water water
#
loop_
_entity_poly.entity_id
_entity_poly.type
_entity_poly.pdbx_seq_one_letter_code
_entity_poly.pdbx_strand_id
1 'polypeptide(L)'
;MGSSHHHHHHSSGLVPRGSHMEAPAAVVTGAAKRIGRAIAVKLHQTGYRVVIHYHNSAEAAVSLADELNKERSNTAVVCQ
ADLTNSNVLPASCEEIINSCFRAFGRCDVLVNNASAFYPTPLVQGDHEDNSNGKTVETQVAELIGTNAIAPFLLTMSFAQ
RQKGTNPNCTSSNLSIVNLCDAMVDQP(CSX)MAFSLYNMGKHALVGLTQSAALELAPYGIRVNGVAPGVSLLPVAMGEE
EKDKWRRKVPLGRREASAEQIADAVIFLVSGSAQYITGSIIKVDGGLSLVHA
;
A,D
2 'polypeptide(L)'
;MGSSHHHHHHSSGLVPRGSHMEAPAAVVTGAAKRIGRAIAVKLHQTGYRVVIHYHNSAEAAVSLADELNKERSNTAVVCQ
ADLTNSNVLPASCEEIINSCFRAFGRCDVLVNNASAFYPTPLVQGDHEDNSNGKTVETQVAELIGTNAIAPFLLTMSFAQ
RQKGTNPNCTSSNLSIVNLCDAMVDQPCMAFSLYNMGKHALVGLTQSAALELAPYGIRVNGVAPGVSLLPVAMGEEEKDK
WRRKVPLGRREASAEQIADAVIFLVSGSAQYITGSIIKVDGGLSLVHA
;
B,C
#
loop_
_chem_comp.id
_chem_comp.type
_chem_comp.name
_chem_comp.formula
FDB non-polymer 2-amino-5-methyl-3H-pyrrolo[2,3-d]pyrimidin-4(7H)-one 'C7 H8 N4 O'
NAP non-polymer 'NADP NICOTINAMIDE-ADENINE-DINUCLEOTIDE PHOSPHATE' 'C21 H28 N7 O17 P3'
#
# COMPACT_ATOMS: atom_id res chain seq x y z
N GLU A 22 6.48 -39.17 -11.14
CA GLU A 22 7.83 -38.58 -11.27
C GLU A 22 7.96 -37.18 -10.66
N ALA A 23 9.18 -36.66 -10.71
CA ALA A 23 9.52 -35.53 -9.91
C ALA A 23 9.16 -34.25 -10.68
N PRO A 24 8.57 -33.28 -9.99
CA PRO A 24 8.35 -32.01 -10.64
C PRO A 24 9.66 -31.29 -10.96
N ALA A 25 9.57 -30.26 -11.82
CA ALA A 25 10.74 -29.57 -12.28
C ALA A 25 10.58 -28.06 -12.14
N ALA A 26 11.68 -27.40 -11.83
CA ALA A 26 11.73 -25.94 -11.62
C ALA A 26 12.83 -25.29 -12.42
N VAL A 27 12.55 -24.08 -12.91
CA VAL A 27 13.54 -23.18 -13.43
C VAL A 27 13.80 -22.10 -12.39
N VAL A 28 15.08 -21.90 -12.06
CA VAL A 28 15.53 -20.80 -11.21
C VAL A 28 16.52 -19.94 -12.01
N THR A 29 16.17 -18.68 -12.22
CA THR A 29 17.09 -17.76 -12.92
C THR A 29 18.18 -17.22 -11.98
N GLY A 30 19.37 -17.02 -12.53
CA GLY A 30 20.49 -16.51 -11.75
C GLY A 30 20.78 -17.42 -10.57
N ALA A 31 20.77 -18.74 -10.81
CA ALA A 31 20.86 -19.69 -9.74
C ALA A 31 22.27 -20.16 -9.37
N ALA A 32 23.31 -19.59 -9.97
CA ALA A 32 24.68 -20.06 -9.75
C ALA A 32 25.23 -19.61 -8.40
N LYS A 33 24.74 -18.49 -7.89
CA LYS A 33 25.30 -17.91 -6.67
C LYS A 33 24.23 -17.40 -5.72
N ARG A 34 24.65 -17.15 -4.49
CA ARG A 34 23.88 -16.37 -3.52
C ARG A 34 22.45 -16.84 -3.33
N ILE A 35 21.45 -15.96 -3.40
CA ILE A 35 20.09 -16.38 -3.07
C ILE A 35 19.49 -17.38 -4.05
N GLY A 36 19.76 -17.18 -5.33
CA GLY A 36 19.29 -18.11 -6.34
C GLY A 36 19.83 -19.52 -6.15
N ARG A 37 21.10 -19.60 -5.79
CA ARG A 37 21.71 -20.89 -5.53
C ARG A 37 20.99 -21.58 -4.37
N ALA A 38 20.77 -20.85 -3.27
CA ALA A 38 20.09 -21.44 -2.10
C ALA A 38 18.68 -21.89 -2.46
N ILE A 39 18.03 -21.12 -3.33
CA ILE A 39 16.70 -21.51 -3.81
C ILE A 39 16.74 -22.84 -4.59
N ALA A 40 17.66 -22.95 -5.54
CA ALA A 40 17.79 -24.16 -6.35
C ALA A 40 18.09 -25.36 -5.45
N VAL A 41 19.01 -25.18 -4.53
CA VAL A 41 19.34 -26.25 -3.60
C VAL A 41 18.15 -26.70 -2.78
N LYS A 42 17.39 -25.74 -2.22
CA LYS A 42 16.30 -26.08 -1.37
C LYS A 42 15.18 -26.73 -2.17
N LEU A 43 14.92 -26.26 -3.39
CA LEU A 43 13.93 -26.92 -4.24
C LEU A 43 14.35 -28.36 -4.51
N HIS A 44 15.63 -28.52 -4.81
CA HIS A 44 16.19 -29.84 -5.15
C HIS A 44 16.02 -30.76 -3.93
N GLN A 45 16.33 -30.25 -2.74
CA GLN A 45 16.14 -31.02 -1.47
C GLN A 45 14.69 -31.42 -1.24
N THR A 46 13.77 -30.59 -1.68
CA THR A 46 12.33 -30.85 -1.61
C THR A 46 11.86 -31.87 -2.60
N GLY A 47 12.67 -32.17 -3.61
CA GLY A 47 12.37 -33.21 -4.56
C GLY A 47 12.27 -32.76 -6.00
N TYR A 48 12.55 -31.47 -6.26
CA TYR A 48 12.44 -30.95 -7.61
C TYR A 48 13.67 -31.28 -8.43
N ARG A 49 13.46 -31.51 -9.72
CA ARG A 49 14.57 -31.43 -10.70
C ARG A 49 14.70 -29.95 -11.09
N VAL A 50 15.91 -29.46 -11.35
CA VAL A 50 16.10 -28.01 -11.52
CA VAL A 50 16.14 -28.01 -11.48
C VAL A 50 16.93 -27.64 -12.75
N VAL A 51 16.52 -26.55 -13.39
CA VAL A 51 17.30 -25.88 -14.41
C VAL A 51 17.95 -24.71 -13.73
N ILE A 52 19.27 -24.72 -13.73
CA ILE A 52 20.12 -23.69 -13.20
C ILE A 52 20.43 -22.74 -14.34
N HIS A 53 19.71 -21.62 -14.39
CA HIS A 53 20.05 -20.55 -15.29
C HIS A 53 21.16 -19.69 -14.74
N TYR A 54 22.06 -19.24 -15.62
CA TYR A 54 23.13 -18.33 -15.23
C TYR A 54 23.47 -17.41 -16.43
N HIS A 55 24.22 -16.34 -16.18
CA HIS A 55 24.70 -15.46 -17.21
C HIS A 55 26.23 -15.55 -17.37
N ASN A 56 26.97 -15.03 -16.41
CA ASN A 56 28.44 -15.09 -16.47
C ASN A 56 29.06 -16.16 -15.57
N SER A 57 28.33 -16.63 -14.56
CA SER A 57 28.92 -17.51 -13.54
C SER A 57 28.90 -19.01 -13.91
N ALA A 58 29.57 -19.34 -15.02
CA ALA A 58 29.54 -20.66 -15.59
C ALA A 58 30.15 -21.70 -14.67
N GLU A 59 31.31 -21.42 -14.10
CA GLU A 59 31.97 -22.39 -13.25
CA GLU A 59 31.98 -22.40 -13.21
C GLU A 59 31.08 -22.77 -12.04
N ALA A 60 30.49 -21.76 -11.40
CA ALA A 60 29.62 -22.00 -10.26
C ALA A 60 28.37 -22.75 -10.66
N ALA A 61 27.82 -22.38 -11.80
CA ALA A 61 26.63 -23.07 -12.31
C ALA A 61 26.87 -24.57 -12.51
N VAL A 62 27.97 -24.89 -13.20
CA VAL A 62 28.31 -26.27 -13.47
C VAL A 62 28.65 -27.04 -12.18
N SER A 63 29.36 -26.38 -11.27
CA SER A 63 29.69 -27.00 -9.99
C SER A 63 28.41 -27.35 -9.20
N LEU A 64 27.43 -26.45 -9.21
CA LEU A 64 26.17 -26.73 -8.57
C LEU A 64 25.47 -27.91 -9.21
N ALA A 65 25.42 -27.93 -10.54
CA ALA A 65 24.73 -29.03 -11.26
C ALA A 65 25.38 -30.37 -10.89
N ASP A 66 26.71 -30.37 -10.81
CA ASP A 66 27.48 -31.56 -10.45
C ASP A 66 27.11 -32.02 -9.04
N GLU A 67 27.11 -31.09 -8.10
CA GLU A 67 26.69 -31.38 -6.73
C GLU A 67 25.30 -31.96 -6.62
N LEU A 68 24.32 -31.37 -7.30
CA LEU A 68 22.95 -31.84 -7.24
C LEU A 68 22.78 -33.19 -7.90
N ASN A 69 23.40 -33.39 -9.05
CA ASN A 69 23.32 -34.68 -9.70
C ASN A 69 24.04 -35.80 -8.95
N LYS A 70 25.12 -35.48 -8.24
CA LYS A 70 25.82 -36.48 -7.43
C LYS A 70 24.90 -36.92 -6.33
N GLU A 71 24.07 -35.99 -5.87
CA GLU A 71 23.05 -36.31 -4.90
C GLU A 71 21.91 -37.19 -5.43
N ARG A 72 21.33 -36.86 -6.59
CA ARG A 72 20.30 -37.67 -7.24
C ARG A 72 20.53 -37.52 -8.72
N SER A 73 20.71 -38.65 -9.43
CA SER A 73 21.07 -38.59 -10.84
C SER A 73 20.02 -37.97 -11.72
N ASN A 74 20.45 -37.20 -12.72
CA ASN A 74 19.56 -36.62 -13.71
C ASN A 74 18.49 -35.70 -13.09
N THR A 75 18.91 -34.90 -12.16
CA THR A 75 18.00 -33.96 -11.52
C THR A 75 18.46 -32.51 -11.67
N ALA A 76 19.57 -32.23 -12.35
CA ALA A 76 19.97 -30.83 -12.53
C ALA A 76 20.59 -30.61 -13.91
N VAL A 77 20.22 -29.52 -14.54
CA VAL A 77 20.89 -29.06 -15.76
C VAL A 77 21.19 -27.56 -15.71
N VAL A 78 22.00 -27.09 -16.63
CA VAL A 78 22.36 -25.67 -16.72
C VAL A 78 21.84 -25.06 -18.01
N CYS A 79 21.54 -23.78 -17.96
CA CYS A 79 21.11 -23.04 -19.15
C CYS A 79 21.67 -21.64 -19.05
N GLN A 80 22.48 -21.24 -20.01
CA GLN A 80 23.08 -19.88 -20.00
C GLN A 80 22.23 -18.91 -20.83
N ALA A 81 22.03 -17.68 -20.34
CA ALA A 81 21.45 -16.62 -21.13
C ALA A 81 21.58 -15.27 -20.49
N ASP A 82 21.77 -14.27 -21.35
CA ASP A 82 21.68 -12.87 -20.92
C ASP A 82 20.19 -12.49 -20.87
N LEU A 83 19.77 -11.82 -19.79
CA LEU A 83 18.36 -11.43 -19.62
C LEU A 83 18.17 -9.92 -19.73
N THR A 84 19.19 -9.26 -20.28
CA THR A 84 19.12 -7.86 -20.67
C THR A 84 18.02 -7.73 -21.73
N ASN A 85 17.27 -6.63 -21.70
CA ASN A 85 16.23 -6.40 -22.70
C ASN A 85 16.89 -6.19 -24.07
N SER A 86 16.31 -6.84 -25.09
CA SER A 86 16.76 -6.69 -26.49
C SER A 86 15.73 -7.35 -27.38
N ASN A 87 15.95 -7.23 -28.68
CA ASN A 87 15.14 -7.92 -29.69
C ASN A 87 15.21 -9.46 -29.58
N VAL A 88 16.25 -10.02 -28.98
CA VAL A 88 16.36 -11.46 -28.88
C VAL A 88 15.92 -12.03 -27.52
N LEU A 89 15.54 -11.17 -26.58
CA LEU A 89 15.18 -11.67 -25.24
C LEU A 89 13.99 -12.58 -25.26
N PRO A 90 12.96 -12.26 -26.07
CA PRO A 90 11.85 -13.21 -26.06
C PRO A 90 12.26 -14.64 -26.44
N ALA A 91 13.04 -14.79 -27.50
CA ALA A 91 13.58 -16.08 -27.84
C ALA A 91 14.47 -16.68 -26.73
N SER A 92 15.34 -15.89 -26.10
CA SER A 92 16.15 -16.43 -24.98
C SER A 92 15.27 -16.98 -23.85
N CYS A 93 14.17 -16.26 -23.57
CA CYS A 93 13.30 -16.69 -22.48
C CYS A 93 12.54 -17.95 -22.88
N GLU A 94 12.10 -18.02 -24.13
CA GLU A 94 11.49 -19.26 -24.61
C GLU A 94 12.46 -20.42 -24.46
N GLU A 95 13.74 -20.17 -24.72
CA GLU A 95 14.74 -21.27 -24.69
C GLU A 95 15.02 -21.77 -23.27
N ILE A 96 14.92 -20.87 -22.31
CA ILE A 96 15.10 -21.24 -20.91
C ILE A 96 14.01 -22.17 -20.46
N ILE A 97 12.78 -21.81 -20.79
CA ILE A 97 11.65 -22.70 -20.48
C ILE A 97 11.80 -24.06 -21.27
N ASN A 98 12.12 -23.97 -22.54
CA ASN A 98 12.30 -25.16 -23.34
CA ASN A 98 12.37 -25.15 -23.38
C ASN A 98 13.38 -26.10 -22.74
N SER A 99 14.44 -25.55 -22.16
CA SER A 99 15.47 -26.38 -21.55
C SER A 99 14.92 -27.27 -20.45
N CYS A 100 13.93 -26.78 -19.71
CA CYS A 100 13.30 -27.59 -18.67
C CYS A 100 12.47 -28.72 -19.27
N PHE A 101 11.70 -28.43 -20.32
CA PHE A 101 10.97 -29.48 -21.03
C PHE A 101 11.87 -30.53 -21.72
N ARG A 102 12.96 -30.09 -22.33
CA ARG A 102 13.91 -30.97 -23.03
CA ARG A 102 13.85 -31.01 -23.03
C ARG A 102 14.53 -31.97 -22.08
N ALA A 103 14.92 -31.49 -20.90
CA ALA A 103 15.56 -32.32 -19.91
C ALA A 103 14.58 -33.18 -19.12
N PHE A 104 13.42 -32.61 -18.72
CA PHE A 104 12.63 -33.21 -17.68
C PHE A 104 11.20 -33.53 -18.12
N GLY A 105 10.80 -33.02 -19.28
CA GLY A 105 9.50 -33.29 -19.87
C GLY A 105 8.34 -32.53 -19.25
N ARG A 106 8.68 -31.56 -18.39
CA ARG A 106 7.65 -30.76 -17.69
C ARG A 106 8.35 -29.57 -17.08
N CYS A 107 7.54 -28.57 -16.68
CA CYS A 107 8.05 -27.38 -16.01
C CYS A 107 6.95 -26.91 -15.05
N ASP A 108 7.17 -27.09 -13.76
CA ASP A 108 6.08 -26.90 -12.76
C ASP A 108 6.21 -25.55 -12.07
N VAL A 109 7.44 -25.10 -11.89
CA VAL A 109 7.75 -23.91 -11.10
C VAL A 109 8.79 -23.05 -11.84
N LEU A 110 8.54 -21.74 -11.85
CA LEU A 110 9.47 -20.75 -12.36
C LEU A 110 9.80 -19.79 -11.24
N VAL A 111 11.08 -19.65 -10.94
CA VAL A 111 11.52 -18.64 -9.98
C VAL A 111 12.32 -17.55 -10.70
N ASN A 112 11.77 -16.32 -10.71
CA ASN A 112 12.43 -15.16 -11.32
C ASN A 112 13.29 -14.45 -10.28
N ASN A 113 14.55 -14.83 -10.27
CA ASN A 113 15.53 -14.38 -9.26
C ASN A 113 16.65 -13.50 -9.82
N ALA A 114 17.12 -13.79 -11.04
CA ALA A 114 18.20 -13.04 -11.67
C ALA A 114 17.92 -11.55 -11.69
N SER A 115 18.92 -10.73 -11.39
CA SER A 115 18.67 -9.31 -11.21
C SER A 115 19.96 -8.50 -11.28
N ALA A 116 19.98 -7.49 -12.16
CA ALA A 116 21.01 -6.45 -12.16
C ALA A 116 20.65 -5.43 -11.08
N PHE A 117 21.67 -4.91 -10.38
CA PHE A 117 21.49 -4.04 -9.26
C PHE A 117 22.71 -3.13 -9.16
N TYR A 118 22.52 -1.88 -9.51
CA TYR A 118 23.57 -0.85 -9.37
C TYR A 118 22.91 0.53 -9.53
N PRO A 119 23.60 1.60 -9.10
CA PRO A 119 23.01 2.92 -9.17
C PRO A 119 22.97 3.50 -10.58
N THR A 120 21.94 4.31 -10.83
CA THR A 120 21.75 5.05 -12.07
C THR A 120 21.27 6.44 -11.70
N PRO A 121 22.22 7.32 -11.29
CA PRO A 121 21.85 8.68 -10.84
C PRO A 121 21.10 9.47 -11.90
N LEU A 122 20.12 10.25 -11.45
CA LEU A 122 19.37 11.06 -12.39
C LEU A 122 20.19 12.25 -12.90
N VAL A 123 21.14 12.70 -12.10
CA VAL A 123 21.99 13.83 -12.48
C VAL A 123 23.46 13.42 -12.36
N GLN A 124 24.26 13.74 -13.37
CA GLN A 124 25.66 13.32 -13.46
C GLN A 124 26.52 14.07 -12.46
N GLY A 133 31.95 4.20 -18.84
CA GLY A 133 30.96 3.24 -18.34
C GLY A 133 29.79 3.04 -19.29
N LYS A 134 28.72 2.47 -18.77
CA LYS A 134 27.56 2.05 -19.57
C LYS A 134 26.73 3.23 -20.00
N THR A 135 26.17 3.19 -21.22
CA THR A 135 25.26 4.23 -21.67
C THR A 135 23.94 4.07 -20.90
N VAL A 136 23.13 5.12 -20.90
CA VAL A 136 21.88 5.03 -20.17
C VAL A 136 20.99 4.02 -20.83
N GLU A 137 21.03 3.87 -22.15
CA GLU A 137 20.11 2.88 -22.76
C GLU A 137 20.50 1.43 -22.36
N THR A 138 21.78 1.19 -22.14
CA THR A 138 22.25 -0.10 -21.64
C THR A 138 21.80 -0.36 -20.18
N GLN A 139 21.84 0.68 -19.38
CA GLN A 139 21.37 0.63 -18.00
C GLN A 139 19.88 0.29 -17.94
N VAL A 140 19.09 0.97 -18.76
CA VAL A 140 17.68 0.66 -18.90
C VAL A 140 17.50 -0.82 -19.30
N ALA A 141 18.20 -1.23 -20.35
CA ALA A 141 18.08 -2.61 -20.85
C ALA A 141 18.37 -3.63 -19.76
N GLU A 142 19.46 -3.45 -19.02
CA GLU A 142 19.88 -4.43 -18.03
C GLU A 142 18.99 -4.41 -16.79
N LEU A 143 18.68 -3.21 -16.28
CA LEU A 143 17.90 -3.10 -15.05
C LEU A 143 16.42 -3.42 -15.22
N ILE A 144 15.80 -2.93 -16.28
CA ILE A 144 14.40 -3.21 -16.53
C ILE A 144 14.29 -4.61 -17.15
N GLY A 145 15.26 -4.99 -17.99
CA GLY A 145 15.22 -6.34 -18.55
C GLY A 145 15.25 -7.46 -17.50
N THR A 146 16.28 -7.46 -16.67
CA THR A 146 16.41 -8.56 -15.70
C THR A 146 15.30 -8.53 -14.68
N ASN A 147 14.89 -7.34 -14.22
CA ASN A 147 13.98 -7.26 -13.06
C ASN A 147 12.50 -7.32 -13.45
N ALA A 148 12.19 -7.09 -14.72
CA ALA A 148 10.79 -6.96 -15.14
C ALA A 148 10.45 -7.63 -16.45
N ILE A 149 11.14 -7.22 -17.51
CA ILE A 149 10.83 -7.71 -18.84
C ILE A 149 11.09 -9.21 -19.02
N ALA A 150 12.25 -9.68 -18.60
CA ALA A 150 12.53 -11.09 -18.64
C ALA A 150 11.54 -11.92 -17.79
N PRO A 151 11.25 -11.47 -16.57
CA PRO A 151 10.21 -12.13 -15.82
C PRO A 151 8.88 -12.26 -16.58
N PHE A 152 8.49 -11.21 -17.27
CA PHE A 152 7.24 -11.21 -18.05
C PHE A 152 7.32 -12.26 -19.20
N LEU A 153 8.45 -12.25 -19.89
CA LEU A 153 8.61 -13.11 -21.06
C LEU A 153 8.74 -14.56 -20.65
N LEU A 154 9.47 -14.81 -19.58
CA LEU A 154 9.51 -16.15 -18.96
C LEU A 154 8.12 -16.66 -18.51
N THR A 155 7.35 -15.73 -17.96
CA THR A 155 5.99 -16.04 -17.52
C THR A 155 5.11 -16.42 -18.72
N MET A 156 5.18 -15.64 -19.79
CA MET A 156 4.45 -15.94 -21.04
C MET A 156 4.81 -17.34 -21.53
N SER A 157 6.11 -17.62 -21.58
CA SER A 157 6.63 -18.87 -22.11
C SER A 157 6.21 -20.03 -21.23
N PHE A 158 6.35 -19.84 -19.92
CA PHE A 158 5.93 -20.82 -18.92
C PHE A 158 4.46 -21.16 -19.12
N ALA A 159 3.61 -20.15 -19.19
CA ALA A 159 2.17 -20.38 -19.28
C ALA A 159 1.77 -21.02 -20.60
N GLN A 160 2.35 -20.55 -21.69
CA GLN A 160 2.03 -21.07 -23.03
C GLN A 160 2.29 -22.56 -23.15
N ARG A 161 3.32 -23.06 -22.47
CA ARG A 161 3.69 -24.47 -22.50
C ARG A 161 2.77 -25.35 -21.68
N GLN A 162 1.98 -24.79 -20.78
CA GLN A 162 1.13 -25.61 -19.92
C GLN A 162 -0.17 -25.88 -20.63
N SER A 172 -1.52 -31.45 -10.35
CA SER A 172 -0.44 -30.51 -10.65
C SER A 172 -0.48 -29.25 -9.76
N ASN A 173 0.69 -28.76 -9.36
CA ASN A 173 0.80 -27.58 -8.52
C ASN A 173 1.77 -26.62 -9.20
N LEU A 174 1.23 -25.90 -10.18
CA LEU A 174 2.04 -24.98 -10.97
C LEU A 174 2.10 -23.59 -10.30
N SER A 175 3.28 -23.04 -10.21
CA SER A 175 3.39 -21.66 -9.71
C SER A 175 4.68 -20.96 -10.13
N ILE A 176 4.65 -19.63 -9.96
CA ILE A 176 5.75 -18.75 -10.28
C ILE A 176 6.04 -17.96 -9.00
N VAL A 177 7.30 -17.81 -8.68
CA VAL A 177 7.68 -16.96 -7.56
C VAL A 177 8.66 -15.90 -8.06
N ASN A 178 8.31 -14.64 -7.83
CA ASN A 178 9.17 -13.53 -8.21
C ASN A 178 9.92 -12.94 -7.01
N LEU A 179 11.23 -12.73 -7.15
CA LEU A 179 12.02 -12.12 -6.11
C LEU A 179 11.90 -10.61 -6.23
N CYS A 180 11.18 -10.07 -5.25
CA CYS A 180 10.82 -8.68 -5.20
C CYS A 180 11.76 -7.97 -4.23
N ASP A 181 11.31 -6.88 -3.61
CA ASP A 181 12.20 -6.09 -2.72
C ASP A 181 11.32 -5.35 -1.70
N ALA A 182 11.52 -5.70 -0.44
CA ALA A 182 10.71 -5.14 0.63
C ALA A 182 10.84 -3.62 0.76
N MET A 183 11.92 -3.06 0.21
CA MET A 183 12.22 -1.64 0.34
C MET A 183 11.81 -0.84 -0.92
N VAL A 184 10.96 -1.42 -1.74
CA VAL A 184 10.55 -0.79 -2.97
C VAL A 184 9.92 0.61 -2.76
N ASP A 185 9.31 0.82 -1.58
CA ASP A 185 8.71 2.13 -1.32
C ASP A 185 9.54 3.07 -0.45
N GLN A 186 10.75 2.63 -0.08
CA GLN A 186 11.71 3.47 0.59
C GLN A 186 13.04 3.19 -0.10
N PRO A 187 13.16 3.62 -1.35
CA PRO A 187 14.24 3.13 -2.20
C PRO A 187 15.63 3.70 -1.88
N CSX A 188 16.66 2.97 -2.28
CA CSX A 188 18.03 3.47 -2.18
CB CSX A 188 19.01 2.40 -2.61
SG CSX A 188 19.11 1.09 -1.48
C CSX A 188 18.16 4.71 -3.04
O CSX A 188 17.70 4.76 -4.18
OD CSX A 188 19.85 1.65 -0.33
N MET A 189 18.82 5.71 -2.51
CA MET A 189 19.16 6.91 -3.26
C MET A 189 19.89 6.56 -4.56
N ALA A 190 19.44 7.13 -5.67
CA ALA A 190 20.07 6.97 -6.98
C ALA A 190 19.93 5.61 -7.62
N PHE A 191 18.92 4.85 -7.19
CA PHE A 191 18.66 3.51 -7.75
C PHE A 191 17.32 3.51 -8.49
N SER A 192 17.07 4.60 -9.23
CA SER A 192 15.76 4.80 -9.89
C SER A 192 15.38 3.65 -10.79
N LEU A 193 16.25 3.27 -11.72
CA LEU A 193 15.88 2.21 -12.69
C LEU A 193 15.72 0.84 -12.01
N TYR A 194 16.59 0.51 -11.08
CA TYR A 194 16.40 -0.72 -10.30
C TYR A 194 15.06 -0.71 -9.59
N ASN A 195 14.74 0.38 -8.92
CA ASN A 195 13.45 0.49 -8.19
C ASN A 195 12.25 0.42 -9.14
N MET A 196 12.37 1.06 -10.30
CA MET A 196 11.34 0.94 -11.36
C MET A 196 11.13 -0.50 -11.79
N GLY A 197 12.22 -1.24 -11.99
CA GLY A 197 12.12 -2.63 -12.38
C GLY A 197 11.43 -3.49 -11.32
N LYS A 198 11.72 -3.23 -10.05
CA LYS A 198 11.12 -4.00 -8.97
C LYS A 198 9.63 -3.64 -8.79
N HIS A 199 9.29 -2.38 -8.97
CA HIS A 199 7.91 -1.99 -9.00
C HIS A 199 7.18 -2.65 -10.12
N ALA A 200 7.78 -2.65 -11.30
CA ALA A 200 7.14 -3.32 -12.42
C ALA A 200 6.92 -4.81 -12.12
N LEU A 201 7.85 -5.41 -11.41
CA LEU A 201 7.75 -6.83 -11.04
C LEU A 201 6.57 -7.09 -10.09
N VAL A 202 6.27 -6.14 -9.22
CA VAL A 202 5.06 -6.22 -8.37
C VAL A 202 3.83 -6.25 -9.30
N GLY A 203 3.79 -5.33 -10.27
CA GLY A 203 2.71 -5.24 -11.22
C GLY A 203 2.56 -6.55 -11.98
N LEU A 204 3.67 -7.12 -12.45
CA LEU A 204 3.62 -8.41 -13.14
C LEU A 204 3.06 -9.53 -12.24
N THR A 205 3.53 -9.55 -11.01
CA THR A 205 3.07 -10.56 -10.05
C THR A 205 1.55 -10.54 -9.92
N GLN A 206 0.99 -9.34 -9.77
CA GLN A 206 -0.44 -9.18 -9.61
C GLN A 206 -1.22 -9.45 -10.89
N SER A 207 -0.76 -8.89 -12.00
CA SER A 207 -1.43 -9.05 -13.29
C SER A 207 -1.40 -10.51 -13.72
N ALA A 208 -0.25 -11.16 -13.54
CA ALA A 208 -0.15 -12.56 -13.93
C ALA A 208 -0.94 -13.48 -12.99
N ALA A 209 -1.01 -13.14 -11.68
CA ALA A 209 -1.80 -13.94 -10.78
C ALA A 209 -3.26 -13.93 -11.25
N LEU A 210 -3.77 -12.76 -11.56
CA LEU A 210 -5.15 -12.62 -12.06
C LEU A 210 -5.39 -13.40 -13.34
N GLU A 211 -4.49 -13.22 -14.30
CA GLU A 211 -4.67 -13.76 -15.65
C GLU A 211 -4.44 -15.26 -15.73
N LEU A 212 -3.54 -15.77 -14.90
CA LEU A 212 -3.19 -17.20 -14.94
C LEU A 212 -3.95 -18.09 -13.97
N ALA A 213 -4.74 -17.47 -13.11
CA ALA A 213 -5.51 -18.18 -12.12
C ALA A 213 -6.43 -19.23 -12.78
N PRO A 214 -7.07 -18.89 -13.90
CA PRO A 214 -7.97 -19.89 -14.54
C PRO A 214 -7.23 -21.12 -15.05
N TYR A 215 -5.91 -21.02 -15.21
CA TYR A 215 -5.08 -22.14 -15.60
C TYR A 215 -4.54 -22.88 -14.42
N GLY A 216 -4.86 -22.43 -13.22
CA GLY A 216 -4.35 -23.08 -12.03
C GLY A 216 -2.90 -22.73 -11.75
N ILE A 217 -2.37 -21.69 -12.37
CA ILE A 217 -0.98 -21.25 -12.11
C ILE A 217 -1.02 -20.10 -11.09
N ARG A 218 -0.39 -20.30 -9.94
CA ARG A 218 -0.31 -19.29 -8.90
C ARG A 218 0.93 -18.43 -9.17
N VAL A 219 0.84 -17.16 -8.80
CA VAL A 219 1.96 -16.23 -9.00
C VAL A 219 2.14 -15.38 -7.76
N ASN A 220 3.29 -15.44 -7.11
CA ASN A 220 3.50 -14.80 -5.87
C ASN A 220 4.91 -14.25 -5.84
N GLY A 221 5.20 -13.50 -4.79
CA GLY A 221 6.53 -12.96 -4.62
C GLY A 221 7.12 -13.16 -3.23
N VAL A 222 8.44 -13.04 -3.20
CA VAL A 222 9.17 -13.03 -1.93
C VAL A 222 10.01 -11.75 -1.97
N ALA A 223 9.93 -10.96 -0.89
CA ALA A 223 10.54 -9.65 -0.83
C ALA A 223 11.53 -9.54 0.32
N PRO A 224 12.80 -9.84 0.04
CA PRO A 224 13.87 -9.61 1.04
C PRO A 224 14.04 -8.14 1.39
N GLY A 225 14.55 -7.84 2.58
CA GLY A 225 15.00 -6.48 2.92
C GLY A 225 16.50 -6.46 2.66
N VAL A 226 17.28 -6.80 3.69
CA VAL A 226 18.66 -7.20 3.42
C VAL A 226 18.89 -8.66 3.74
N SER A 227 19.45 -9.34 2.72
CA SER A 227 19.88 -10.69 2.86
C SER A 227 21.37 -10.62 2.56
N LEU A 228 21.87 -11.49 1.72
CA LEU A 228 23.31 -11.51 1.44
C LEU A 228 23.70 -10.19 0.86
N LEU A 229 24.63 -9.50 1.52
CA LEU A 229 24.92 -8.17 1.08
C LEU A 229 25.82 -8.20 -0.16
N PRO A 230 25.81 -7.14 -0.94
CA PRO A 230 26.58 -7.18 -2.18
C PRO A 230 28.05 -7.39 -1.91
N VAL A 231 28.72 -8.20 -2.71
CA VAL A 231 30.17 -8.41 -2.50
C VAL A 231 31.00 -7.11 -2.51
N ALA A 232 30.59 -6.15 -3.32
CA ALA A 232 31.35 -4.91 -3.46
C ALA A 232 31.11 -3.94 -2.30
N MET A 233 30.12 -4.20 -1.46
CA MET A 233 29.82 -3.31 -0.36
C MET A 233 30.90 -3.43 0.72
N GLY A 234 31.35 -2.30 1.23
CA GLY A 234 32.39 -2.27 2.27
C GLY A 234 31.84 -2.81 3.57
N GLU A 235 32.73 -3.36 4.39
CA GLU A 235 32.33 -4.02 5.63
C GLU A 235 31.58 -3.05 6.58
N GLU A 236 32.08 -1.81 6.66
CA GLU A 236 31.48 -0.78 7.48
C GLU A 236 30.04 -0.49 7.04
N GLU A 237 29.85 -0.33 5.74
CA GLU A 237 28.52 -0.10 5.18
C GLU A 237 27.62 -1.32 5.43
N LYS A 238 28.17 -2.54 5.28
CA LYS A 238 27.41 -3.75 5.62
C LYS A 238 26.91 -3.72 7.03
N ASP A 239 27.80 -3.39 7.98
CA ASP A 239 27.42 -3.35 9.38
C ASP A 239 26.36 -2.27 9.65
N LYS A 240 26.46 -1.16 8.94
CA LYS A 240 25.47 -0.11 9.07
C LYS A 240 24.05 -0.64 8.73
N TRP A 241 23.94 -1.40 7.64
CA TRP A 241 22.64 -2.04 7.26
C TRP A 241 22.17 -3.08 8.26
N ARG A 242 23.08 -3.93 8.73
CA ARG A 242 22.73 -4.95 9.71
C ARG A 242 22.11 -4.35 10.96
N ARG A 243 22.72 -3.28 11.48
CA ARG A 243 22.27 -2.62 12.71
C ARG A 243 20.86 -2.01 12.60
N LYS A 244 20.37 -1.81 11.38
CA LYS A 244 19.03 -1.24 11.20
C LYS A 244 17.93 -2.30 11.28
N VAL A 245 18.27 -3.59 11.23
CA VAL A 245 17.26 -4.66 11.15
C VAL A 245 16.72 -4.96 12.56
N PRO A 246 15.41 -4.70 12.81
CA PRO A 246 14.91 -4.90 14.17
C PRO A 246 15.09 -6.30 14.69
N LEU A 247 14.82 -7.29 13.85
CA LEU A 247 14.84 -8.68 14.28
C LEU A 247 16.25 -9.24 14.17
N GLY A 248 17.02 -9.05 15.23
CA GLY A 248 18.34 -9.69 15.33
C GLY A 248 19.52 -8.89 14.83
N ARG A 249 19.29 -7.71 14.27
CA ARG A 249 20.35 -6.82 13.82
C ARG A 249 21.36 -7.53 12.90
N ARG A 250 20.81 -8.29 11.97
CA ARG A 250 21.60 -8.98 10.99
C ARG A 250 20.76 -9.22 9.76
N GLU A 251 21.46 -9.56 8.69
CA GLU A 251 20.83 -9.86 7.41
C GLU A 251 20.25 -11.23 7.39
N ALA A 252 19.26 -11.44 6.52
CA ALA A 252 18.71 -12.76 6.30
C ALA A 252 19.71 -13.66 5.61
N SER A 253 19.84 -14.89 6.05
CA SER A 253 20.56 -15.88 5.23
C SER A 253 19.80 -16.11 3.91
N ALA A 254 20.52 -16.59 2.90
CA ALA A 254 19.84 -16.95 1.66
C ALA A 254 18.86 -18.05 1.88
N GLU A 255 19.18 -18.94 2.80
CA GLU A 255 18.29 -20.03 3.13
C GLU A 255 16.96 -19.57 3.71
N GLN A 256 16.98 -18.54 4.56
CA GLN A 256 15.73 -17.97 5.09
C GLN A 256 14.85 -17.42 3.94
N ILE A 257 15.45 -16.78 2.96
CA ILE A 257 14.69 -16.32 1.76
C ILE A 257 14.12 -17.51 1.02
N ALA A 258 14.97 -18.54 0.86
CA ALA A 258 14.54 -19.74 0.14
C ALA A 258 13.36 -20.44 0.82
N ASP A 259 13.34 -20.40 2.16
CA ASP A 259 12.25 -21.05 2.91
C ASP A 259 10.90 -20.50 2.51
N ALA A 260 10.85 -19.19 2.22
CA ALA A 260 9.54 -18.56 1.85
C ALA A 260 9.15 -18.98 0.44
N VAL A 261 10.14 -19.16 -0.42
CA VAL A 261 9.92 -19.70 -1.75
C VAL A 261 9.33 -21.09 -1.70
N ILE A 262 9.95 -21.96 -0.89
CA ILE A 262 9.46 -23.34 -0.69
C ILE A 262 8.03 -23.35 -0.20
N PHE A 263 7.72 -22.46 0.75
CA PHE A 263 6.36 -22.35 1.25
C PHE A 263 5.41 -22.03 0.11
N LEU A 264 5.74 -21.02 -0.68
CA LEU A 264 4.82 -20.59 -1.74
C LEU A 264 4.60 -21.62 -2.84
N VAL A 265 5.63 -22.45 -3.12
CA VAL A 265 5.47 -23.47 -4.17
C VAL A 265 4.74 -24.72 -3.63
N SER A 266 4.66 -24.85 -2.30
CA SER A 266 4.12 -26.04 -1.64
C SER A 266 2.62 -26.16 -1.69
N GLY A 267 2.10 -27.32 -1.32
CA GLY A 267 0.66 -27.52 -1.17
C GLY A 267 0.07 -26.74 0.00
N SER A 268 0.91 -26.22 0.89
CA SER A 268 0.41 -25.39 2.01
C SER A 268 0.05 -23.95 1.60
N ALA A 269 0.31 -23.63 0.32
CA ALA A 269 0.05 -22.32 -0.24
C ALA A 269 -0.96 -22.39 -1.42
N GLN A 270 -1.76 -23.45 -1.46
CA GLN A 270 -2.61 -23.73 -2.62
C GLN A 270 -3.64 -22.65 -2.97
N TYR A 271 -4.04 -21.87 -1.97
CA TYR A 271 -5.00 -20.77 -2.18
C TYR A 271 -4.35 -19.41 -2.33
N ILE A 272 -3.01 -19.37 -2.23
CA ILE A 272 -2.31 -18.10 -2.26
C ILE A 272 -1.84 -17.78 -3.67
N THR A 273 -2.34 -16.65 -4.19
CA THR A 273 -1.86 -16.11 -5.45
C THR A 273 -1.97 -14.60 -5.41
N GLY A 274 -0.97 -13.95 -6.02
CA GLY A 274 -0.84 -12.52 -6.03
C GLY A 274 -0.33 -11.94 -4.73
N SER A 275 0.28 -12.75 -3.87
CA SER A 275 0.73 -12.32 -2.58
C SER A 275 2.24 -12.14 -2.63
N ILE A 276 2.72 -11.10 -1.98
CA ILE A 276 4.15 -10.88 -1.83
C ILE A 276 4.52 -10.94 -0.35
N ILE A 277 5.32 -11.91 0.03
CA ILE A 277 5.67 -12.12 1.40
C ILE A 277 6.98 -11.41 1.67
N LYS A 278 6.97 -10.43 2.55
CA LYS A 278 8.23 -9.80 3.00
C LYS A 278 8.94 -10.76 3.90
N VAL A 279 10.26 -10.80 3.73
CA VAL A 279 11.14 -11.61 4.54
C VAL A 279 12.28 -10.67 4.91
N ASP A 280 12.00 -9.73 5.81
CA ASP A 280 12.86 -8.58 6.02
C ASP A 280 13.23 -8.24 7.48
N GLY A 281 12.83 -9.07 8.43
CA GLY A 281 13.21 -8.80 9.85
C GLY A 281 12.67 -7.50 10.38
N GLY A 282 11.60 -6.98 9.75
CA GLY A 282 11.01 -5.67 10.12
C GLY A 282 11.67 -4.44 9.54
N LEU A 283 12.67 -4.59 8.66
CA LEU A 283 13.47 -3.45 8.17
C LEU A 283 12.61 -2.37 7.52
N SER A 284 11.64 -2.79 6.70
CA SER A 284 10.79 -1.85 6.03
C SER A 284 9.84 -1.05 6.93
N LEU A 285 9.69 -1.44 8.19
CA LEU A 285 8.84 -0.75 9.16
C LEU A 285 9.61 0.35 9.92
N VAL A 286 10.92 0.45 9.65
CA VAL A 286 11.79 1.37 10.42
C VAL A 286 11.83 2.76 9.75
N HIS A 287 11.38 3.80 10.43
CA HIS A 287 11.41 5.16 9.89
C HIS A 287 12.85 5.71 9.80
N ALA A 288 13.02 6.78 9.03
CA ALA A 288 14.31 7.42 8.84
C ALA A 288 14.87 7.85 10.16
N GLU B 22 9.89 -30.34 26.29
CA GLU B 22 8.41 -30.30 26.42
C GLU B 22 7.78 -29.45 25.30
N ALA B 23 6.46 -29.54 25.19
CA ALA B 23 5.75 -29.05 24.05
C ALA B 23 5.43 -27.55 24.22
N PRO B 24 5.61 -26.76 23.14
CA PRO B 24 5.21 -25.37 23.20
C PRO B 24 3.70 -25.21 23.36
N ALA B 25 3.26 -24.00 23.72
CA ALA B 25 1.84 -23.74 23.93
C ALA B 25 1.36 -22.53 23.14
N ALA B 26 0.11 -22.60 22.68
CA ALA B 26 -0.53 -21.52 21.93
C ALA B 26 -1.88 -21.14 22.52
N VAL B 27 -2.18 -19.84 22.49
CA VAL B 27 -3.52 -19.34 22.71
C VAL B 27 -4.12 -19.00 21.36
N VAL B 28 -5.31 -19.55 21.09
CA VAL B 28 -6.08 -19.15 19.94
C VAL B 28 -7.39 -18.52 20.42
N THR B 29 -7.65 -17.27 20.04
CA THR B 29 -8.94 -16.61 20.40
C THR B 29 -10.05 -16.99 19.42
N GLY B 30 -11.27 -17.06 19.93
CA GLY B 30 -12.41 -17.53 19.17
C GLY B 30 -12.19 -18.86 18.47
N ALA B 31 -11.68 -19.84 19.23
CA ALA B 31 -11.20 -21.11 18.65
C ALA B 31 -12.22 -22.23 18.63
N ALA B 32 -13.44 -21.98 19.10
CA ALA B 32 -14.47 -23.04 19.20
C ALA B 32 -15.01 -23.47 17.85
N LYS B 33 -15.05 -22.56 16.89
CA LYS B 33 -15.66 -22.83 15.59
C LYS B 33 -14.84 -22.30 14.41
N ARG B 34 -15.23 -22.76 13.23
CA ARG B 34 -14.80 -22.17 11.98
C ARG B 34 -13.26 -22.02 11.88
N ILE B 35 -12.75 -20.84 11.54
CA ILE B 35 -11.34 -20.74 11.21
C ILE B 35 -10.49 -20.90 12.45
N GLY B 36 -10.90 -20.34 13.56
CA GLY B 36 -10.07 -20.47 14.74
C GLY B 36 -9.95 -21.96 15.16
N ARG B 37 -11.04 -22.69 15.03
CA ARG B 37 -11.02 -24.12 15.39
C ARG B 37 -9.98 -24.82 14.53
N ALA B 38 -9.98 -24.53 13.21
CA ALA B 38 -9.03 -25.18 12.31
C ALA B 38 -7.62 -24.82 12.69
N ILE B 39 -7.45 -23.58 13.09
CA ILE B 39 -6.14 -23.13 13.52
C ILE B 39 -5.68 -23.91 14.75
N ALA B 40 -6.57 -24.03 15.73
CA ALA B 40 -6.22 -24.74 16.96
C ALA B 40 -5.90 -26.21 16.64
N VAL B 41 -6.74 -26.81 15.81
CA VAL B 41 -6.51 -28.20 15.41
C VAL B 41 -5.14 -28.39 14.77
N LYS B 42 -4.79 -27.52 13.82
CA LYS B 42 -3.54 -27.68 13.13
C LYS B 42 -2.35 -27.40 14.04
N LEU B 43 -2.45 -26.41 14.93
CA LEU B 43 -1.40 -26.17 15.92
C LEU B 43 -1.18 -27.44 16.77
N HIS B 44 -2.28 -28.02 17.22
CA HIS B 44 -2.22 -29.21 18.07
C HIS B 44 -1.58 -30.38 17.31
N GLN B 45 -1.94 -30.55 16.05
CA GLN B 45 -1.35 -31.61 15.19
C GLN B 45 0.15 -31.42 15.01
N THR B 46 0.61 -30.17 15.09
CA THR B 46 2.00 -29.83 14.91
C THR B 46 2.77 -30.05 16.18
N GLY B 47 2.08 -30.28 17.30
CA GLY B 47 2.76 -30.54 18.56
C GLY B 47 2.50 -29.54 19.66
N TYR B 48 1.69 -28.50 19.38
CA TYR B 48 1.36 -27.52 20.42
C TYR B 48 0.33 -28.00 21.42
N ARG B 49 0.49 -27.54 22.65
CA ARG B 49 -0.62 -27.51 23.63
C ARG B 49 -1.41 -26.22 23.36
N VAL B 50 -2.74 -26.26 23.51
CA VAL B 50 -3.56 -25.13 23.09
C VAL B 50 -4.59 -24.72 24.15
N VAL B 51 -4.72 -23.39 24.27
CA VAL B 51 -5.80 -22.76 25.02
C VAL B 51 -6.83 -22.35 23.96
N ILE B 52 -7.99 -22.99 24.06
CA ILE B 52 -9.12 -22.73 23.23
C ILE B 52 -9.96 -21.63 23.89
N HIS B 53 -9.76 -20.37 23.47
CA HIS B 53 -10.59 -19.30 23.99
C HIS B 53 -11.94 -19.28 23.24
N TYR B 54 -12.99 -18.95 23.97
CA TYR B 54 -14.33 -18.83 23.39
C TYR B 54 -15.11 -17.77 24.17
N HIS B 55 -16.23 -17.32 23.63
CA HIS B 55 -17.05 -16.32 24.28
C HIS B 55 -18.39 -17.00 24.62
N ASN B 56 -19.20 -17.23 23.59
CA ASN B 56 -20.50 -17.86 23.78
C ASN B 56 -20.55 -19.33 23.45
N SER B 57 -19.56 -19.87 22.71
CA SER B 57 -19.68 -21.23 22.17
C SER B 57 -18.99 -22.26 23.09
N ALA B 58 -19.54 -22.37 24.30
CA ALA B 58 -18.96 -23.22 25.35
C ALA B 58 -19.02 -24.71 24.97
N GLU B 59 -20.14 -25.17 24.41
CA GLU B 59 -20.26 -26.59 24.01
C GLU B 59 -19.28 -27.01 22.94
N ALA B 60 -19.10 -26.14 21.95
CA ALA B 60 -18.16 -26.38 20.88
C ALA B 60 -16.73 -26.37 21.38
N ALA B 61 -16.41 -25.43 22.26
CA ALA B 61 -15.06 -25.32 22.84
C ALA B 61 -14.69 -26.55 23.70
N VAL B 62 -15.59 -26.92 24.60
CA VAL B 62 -15.36 -28.13 25.46
C VAL B 62 -15.20 -29.38 24.62
N SER B 63 -16.06 -29.52 23.63
CA SER B 63 -16.01 -30.62 22.71
C SER B 63 -14.65 -30.69 21.98
N LEU B 64 -14.14 -29.53 21.56
CA LEU B 64 -12.86 -29.51 20.88
C LEU B 64 -11.74 -29.91 21.87
N ALA B 65 -11.76 -29.39 23.10
CA ALA B 65 -10.72 -29.75 24.06
C ALA B 65 -10.75 -31.27 24.31
N ASP B 66 -11.95 -31.84 24.38
CA ASP B 66 -12.11 -33.32 24.53
C ASP B 66 -11.39 -34.11 23.44
N GLU B 67 -11.65 -33.74 22.20
CA GLU B 67 -11.08 -34.38 21.04
C GLU B 67 -9.54 -34.25 21.05
N LEU B 68 -9.01 -33.10 21.43
CA LEU B 68 -7.58 -32.89 21.40
C LEU B 68 -6.89 -33.63 22.56
N ASN B 69 -7.51 -33.62 23.73
CA ASN B 69 -6.98 -34.32 24.91
C ASN B 69 -7.06 -35.86 24.75
N LYS B 70 -8.05 -36.34 23.98
CA LYS B 70 -8.11 -37.76 23.63
C LYS B 70 -6.92 -38.16 22.74
N GLU B 71 -6.56 -37.30 21.80
CA GLU B 71 -5.37 -37.52 20.99
C GLU B 71 -4.09 -37.49 21.83
N ARG B 72 -3.94 -36.48 22.68
CA ARG B 72 -2.80 -36.40 23.63
C ARG B 72 -3.28 -35.80 24.96
N SER B 73 -3.25 -36.60 26.03
CA SER B 73 -3.77 -36.16 27.31
CA SER B 73 -3.78 -36.16 27.32
C SER B 73 -3.13 -34.88 27.81
N ASN B 74 -3.94 -34.01 28.42
CA ASN B 74 -3.41 -32.80 29.06
C ASN B 74 -2.74 -31.80 28.07
N THR B 75 -3.34 -31.64 26.90
CA THR B 75 -2.75 -30.74 25.88
C THR B 75 -3.74 -29.66 25.39
N ALA B 76 -4.94 -29.63 25.93
CA ALA B 76 -5.93 -28.61 25.58
C ALA B 76 -6.75 -28.17 26.81
N VAL B 77 -6.97 -26.87 26.93
CA VAL B 77 -7.90 -26.35 27.93
C VAL B 77 -8.73 -25.27 27.28
N VAL B 78 -9.91 -25.02 27.83
CA VAL B 78 -10.74 -23.91 27.36
C VAL B 78 -10.58 -22.73 28.27
N CYS B 79 -10.91 -21.55 27.71
CA CYS B 79 -10.85 -20.32 28.48
C CYS B 79 -11.87 -19.33 27.96
N GLN B 80 -12.84 -18.97 28.84
CA GLN B 80 -13.95 -18.13 28.43
C GLN B 80 -13.64 -16.68 28.69
N ALA B 81 -13.92 -15.83 27.69
CA ALA B 81 -13.83 -14.42 27.88
C ALA B 81 -14.55 -13.61 26.81
N ASP B 82 -15.21 -12.56 27.28
CA ASP B 82 -15.74 -11.53 26.42
C ASP B 82 -14.64 -10.59 26.04
N LEU B 83 -14.50 -10.32 24.73
CA LEU B 83 -13.43 -9.42 24.23
C LEU B 83 -13.97 -8.08 23.71
N THR B 84 -15.23 -7.79 24.04
CA THR B 84 -15.79 -6.44 23.85
C THR B 84 -14.97 -5.43 24.63
N ASN B 85 -14.76 -4.23 24.06
CA ASN B 85 -14.08 -3.20 24.78
C ASN B 85 -14.83 -2.76 26.05
N SER B 86 -14.05 -2.50 27.09
CA SER B 86 -14.54 -2.03 28.39
C SER B 86 -13.34 -1.75 29.28
N ASN B 87 -13.61 -1.19 30.45
CA ASN B 87 -12.52 -0.92 31.38
C ASN B 87 -11.88 -2.16 32.01
N VAL B 88 -12.55 -3.29 31.89
CA VAL B 88 -11.96 -4.53 32.41
CA VAL B 88 -12.06 -4.57 32.40
C VAL B 88 -11.42 -5.41 31.30
N LEU B 89 -11.42 -4.92 30.08
CA LEU B 89 -10.86 -5.74 29.00
C LEU B 89 -9.36 -6.03 29.25
N PRO B 90 -8.57 -5.08 29.78
CA PRO B 90 -7.17 -5.39 30.02
C PRO B 90 -6.99 -6.56 30.99
N ALA B 91 -7.72 -6.57 32.09
CA ALA B 91 -7.76 -7.74 32.98
C ALA B 91 -8.19 -9.05 32.31
N SER B 92 -9.24 -9.04 31.47
CA SER B 92 -9.64 -10.23 30.78
C SER B 92 -8.54 -10.74 29.87
N CYS B 93 -7.91 -9.84 29.13
CA CYS B 93 -6.79 -10.24 28.24
C CYS B 93 -5.59 -10.80 29.05
N GLU B 94 -5.23 -10.14 30.14
CA GLU B 94 -4.19 -10.65 31.06
C GLU B 94 -4.53 -12.07 31.53
N GLU B 95 -5.81 -12.30 31.88
CA GLU B 95 -6.22 -13.58 32.40
C GLU B 95 -6.17 -14.68 31.34
N ILE B 96 -6.43 -14.32 30.07
CA ILE B 96 -6.31 -15.30 28.98
C ILE B 96 -4.85 -15.80 28.87
N ILE B 97 -3.91 -14.88 28.85
CA ILE B 97 -2.45 -15.25 28.84
C ILE B 97 -2.11 -16.02 30.14
N ASN B 98 -2.62 -15.57 31.29
CA ASN B 98 -2.36 -16.27 32.56
C ASN B 98 -2.87 -17.71 32.47
N SER B 99 -3.99 -17.93 31.79
CA SER B 99 -4.59 -19.24 31.69
C SER B 99 -3.71 -20.22 30.95
N CYS B 100 -2.99 -19.73 29.94
CA CYS B 100 -1.98 -20.54 29.26
C CYS B 100 -0.83 -20.90 30.20
N PHE B 101 -0.32 -19.94 30.94
CA PHE B 101 0.77 -20.25 31.86
C PHE B 101 0.30 -21.19 32.98
N ARG B 102 -0.91 -20.96 33.49
CA ARG B 102 -1.53 -21.84 34.50
C ARG B 102 -1.61 -23.29 34.01
N ALA B 103 -2.06 -23.50 32.78
CA ALA B 103 -2.22 -24.86 32.27
C ALA B 103 -0.91 -25.50 31.83
N PHE B 104 -0.02 -24.74 31.19
CA PHE B 104 1.11 -25.32 30.48
C PHE B 104 2.48 -24.80 30.91
N GLY B 105 2.53 -23.76 31.74
CA GLY B 105 3.81 -23.20 32.24
C GLY B 105 4.57 -22.34 31.26
N ARG B 106 3.96 -22.05 30.11
CA ARG B 106 4.59 -21.29 29.04
C ARG B 106 3.51 -20.84 28.07
N CYS B 107 3.84 -19.87 27.23
CA CYS B 107 2.95 -19.36 26.18
C CYS B 107 3.82 -18.88 25.00
N ASP B 108 3.93 -19.71 23.97
CA ASP B 108 4.85 -19.44 22.85
C ASP B 108 4.20 -18.71 21.69
N VAL B 109 2.92 -18.98 21.47
CA VAL B 109 2.20 -18.45 20.32
C VAL B 109 0.85 -17.86 20.76
N LEU B 110 0.54 -16.67 20.23
CA LEU B 110 -0.78 -16.06 20.36
C LEU B 110 -1.36 -15.87 18.96
N VAL B 111 -2.57 -16.37 18.72
CA VAL B 111 -3.28 -16.14 17.48
C VAL B 111 -4.52 -15.32 17.81
N ASN B 112 -4.58 -14.09 17.29
CA ASN B 112 -5.72 -13.21 17.47
C ASN B 112 -6.71 -13.40 16.32
N ASN B 113 -7.69 -14.23 16.59
CA ASN B 113 -8.65 -14.65 15.60
C ASN B 113 -10.08 -14.21 15.90
N ALA B 114 -10.45 -14.14 17.17
CA ALA B 114 -11.84 -13.78 17.56
C ALA B 114 -12.21 -12.45 16.89
N SER B 115 -13.43 -12.35 16.39
CA SER B 115 -13.81 -11.15 15.66
C SER B 115 -15.30 -11.00 15.51
N ALA B 116 -15.83 -9.84 15.88
CA ALA B 116 -17.19 -9.43 15.55
C ALA B 116 -17.22 -8.88 14.16
N PHE B 117 -18.28 -9.21 13.43
CA PHE B 117 -18.42 -8.86 12.03
C PHE B 117 -19.91 -8.64 11.69
N TYR B 118 -20.30 -7.39 11.48
CA TYR B 118 -21.67 -7.02 11.11
C TYR B 118 -21.68 -5.56 10.64
N PRO B 119 -22.71 -5.20 9.84
CA PRO B 119 -22.78 -3.85 9.34
C PRO B 119 -23.10 -2.80 10.42
N THR B 120 -22.58 -1.59 10.21
CA THR B 120 -22.87 -0.45 11.05
C THR B 120 -23.05 0.75 10.11
N PRO B 121 -24.24 0.89 9.51
CA PRO B 121 -24.41 1.97 8.53
C PRO B 121 -24.23 3.35 9.11
N LEU B 122 -23.68 4.23 8.29
CA LEU B 122 -23.42 5.62 8.71
C LEU B 122 -24.70 6.45 8.76
N VAL B 123 -25.63 6.14 7.85
CA VAL B 123 -26.89 6.85 7.68
C VAL B 123 -28.06 5.86 7.92
N GLN B 124 -29.05 6.32 8.69
CA GLN B 124 -30.31 5.61 9.06
C GLN B 124 -30.17 4.94 10.42
N GLY B 133 -30.77 -4.36 17.33
CA GLY B 133 -31.06 -3.20 18.16
C GLY B 133 -29.92 -2.85 19.13
N LYS B 134 -28.69 -2.95 18.66
CA LYS B 134 -27.53 -2.54 19.50
C LYS B 134 -27.34 -1.05 19.43
N THR B 135 -26.91 -0.44 20.54
CA THR B 135 -26.56 0.96 20.53
C THR B 135 -25.26 1.14 19.75
N VAL B 136 -25.02 2.36 19.27
CA VAL B 136 -23.74 2.59 18.59
C VAL B 136 -22.54 2.36 19.56
N GLU B 137 -22.69 2.70 20.87
CA GLU B 137 -21.63 2.46 21.86
C GLU B 137 -21.26 0.97 21.89
N THR B 138 -22.27 0.12 21.83
CA THR B 138 -22.07 -1.32 21.84
C THR B 138 -21.38 -1.80 20.57
N GLN B 139 -21.81 -1.28 19.44
CA GLN B 139 -21.20 -1.62 18.13
C GLN B 139 -19.73 -1.24 18.11
N VAL B 140 -19.39 -0.06 18.59
CA VAL B 140 -17.97 0.39 18.72
C VAL B 140 -17.22 -0.57 19.63
N ALA B 141 -17.76 -0.79 20.83
CA ALA B 141 -17.10 -1.68 21.77
C ALA B 141 -16.84 -3.10 21.20
N GLU B 142 -17.80 -3.67 20.52
CA GLU B 142 -17.66 -5.02 20.01
C GLU B 142 -16.69 -5.11 18.83
N LEU B 143 -16.92 -4.25 17.85
CA LEU B 143 -16.19 -4.31 16.58
C LEU B 143 -14.74 -3.83 16.75
N ILE B 144 -14.56 -2.73 17.46
CA ILE B 144 -13.20 -2.21 17.71
C ILE B 144 -12.55 -3.01 18.83
N GLY B 145 -13.30 -3.41 19.84
CA GLY B 145 -12.69 -4.29 20.90
C GLY B 145 -12.14 -5.61 20.38
N THR B 146 -12.97 -6.35 19.65
CA THR B 146 -12.55 -7.67 19.21
C THR B 146 -11.47 -7.63 18.17
N ASN B 147 -11.61 -6.72 17.21
CA ASN B 147 -10.74 -6.72 16.05
C ASN B 147 -9.41 -6.01 16.30
N ALA B 148 -9.35 -5.15 17.30
CA ALA B 148 -8.20 -4.31 17.49
C ALA B 148 -7.72 -4.17 18.95
N ILE B 149 -8.60 -3.74 19.88
CA ILE B 149 -8.13 -3.43 21.22
C ILE B 149 -7.73 -4.70 22.00
N ALA B 150 -8.55 -5.73 21.89
CA ALA B 150 -8.23 -7.02 22.51
C ALA B 150 -6.96 -7.59 21.94
N PRO B 151 -6.80 -7.57 20.62
CA PRO B 151 -5.45 -7.98 20.13
C PRO B 151 -4.30 -7.19 20.72
N PHE B 152 -4.49 -5.90 20.89
CA PHE B 152 -3.44 -5.10 21.49
C PHE B 152 -3.16 -5.49 22.96
N LEU B 153 -4.20 -5.65 23.75
CA LEU B 153 -4.02 -5.96 25.19
C LEU B 153 -3.46 -7.38 25.39
N LEU B 154 -3.92 -8.31 24.57
CA LEU B 154 -3.36 -9.68 24.57
C LEU B 154 -1.88 -9.67 24.17
N THR B 155 -1.52 -8.86 23.19
CA THR B 155 -0.11 -8.66 22.82
C THR B 155 0.70 -8.09 23.98
N MET B 156 0.18 -7.07 24.65
CA MET B 156 0.86 -6.55 25.81
C MET B 156 1.10 -7.61 26.87
N SER B 157 0.04 -8.35 27.20
CA SER B 157 0.12 -9.37 28.26
C SER B 157 1.07 -10.50 27.86
N PHE B 158 1.01 -10.92 26.60
CA PHE B 158 1.92 -11.94 26.04
C PHE B 158 3.36 -11.53 26.24
N ALA B 159 3.65 -10.31 25.83
CA ALA B 159 5.03 -9.81 25.89
C ALA B 159 5.47 -9.63 27.33
N GLN B 160 4.58 -9.11 28.17
CA GLN B 160 4.93 -8.84 29.56
C GLN B 160 5.34 -10.12 30.26
N ARG B 161 4.64 -11.18 29.96
CA ARG B 161 4.99 -12.49 30.52
C ARG B 161 6.27 -13.14 30.01
N GLN B 162 6.83 -12.69 28.90
CA GLN B 162 8.10 -13.25 28.44
C GLN B 162 9.30 -12.49 29.07
N SER B 172 13.71 -21.14 21.79
CA SER B 172 12.35 -20.54 21.77
C SER B 172 11.98 -19.88 20.42
N ASN B 173 10.73 -20.07 20.01
CA ASN B 173 10.21 -19.48 18.79
C ASN B 173 8.88 -18.79 19.08
N LEU B 174 8.98 -17.58 19.62
CA LEU B 174 7.81 -16.81 20.10
C LEU B 174 7.22 -16.01 18.96
N SER B 175 5.92 -16.13 18.73
CA SER B 175 5.32 -15.25 17.77
C SER B 175 3.84 -15.06 17.96
N ILE B 176 3.36 -14.00 17.31
CA ILE B 176 1.96 -13.64 17.30
C ILE B 176 1.47 -13.63 15.86
N VAL B 177 0.26 -14.15 15.65
CA VAL B 177 -0.36 -14.09 14.35
C VAL B 177 -1.76 -13.48 14.46
N ASN B 178 -1.92 -12.37 13.74
CA ASN B 178 -3.19 -11.63 13.70
C ASN B 178 -4.01 -11.99 12.47
N LEU B 179 -5.28 -12.32 12.67
CA LEU B 179 -6.15 -12.60 11.52
C LEU B 179 -6.72 -11.30 11.00
N CYS B 180 -6.26 -10.92 9.81
CA CYS B 180 -6.53 -9.63 9.20
C CYS B 180 -7.57 -9.85 8.10
N ASP B 181 -7.61 -9.02 7.07
CA ASP B 181 -8.65 -9.14 6.03
C ASP B 181 -8.07 -8.58 4.73
N ALA B 182 -7.99 -9.42 3.69
CA ALA B 182 -7.35 -9.02 2.44
C ALA B 182 -8.12 -7.88 1.74
N MET B 183 -9.38 -7.70 2.09
CA MET B 183 -10.25 -6.71 1.47
C MET B 183 -10.35 -5.39 2.24
N VAL B 184 -9.36 -5.16 3.10
CA VAL B 184 -9.37 -4.00 3.97
C VAL B 184 -9.34 -2.67 3.18
N ASP B 185 -8.79 -2.65 1.98
CA ASP B 185 -8.85 -1.44 1.20
C ASP B 185 -9.94 -1.41 0.11
N GLN B 186 -10.77 -2.44 0.10
CA GLN B 186 -11.95 -2.49 -0.77
C GLN B 186 -13.11 -3.00 0.04
N PRO B 187 -13.52 -2.21 1.02
CA PRO B 187 -14.34 -2.75 2.08
C PRO B 187 -15.80 -2.95 1.67
N CYS B 188 -16.50 -3.78 2.42
CA CYS B 188 -17.94 -3.98 2.19
C CYS B 188 -18.71 -2.73 2.57
N MET B 189 -19.74 -2.46 1.78
CA MET B 189 -20.60 -1.33 2.01
C MET B 189 -21.20 -1.39 3.42
N ALA B 190 -21.09 -0.28 4.16
CA ALA B 190 -21.70 -0.15 5.48
C ALA B 190 -21.05 -0.95 6.60
N PHE B 191 -19.79 -1.36 6.41
CA PHE B 191 -19.02 -2.07 7.41
C PHE B 191 -17.88 -1.17 7.97
N SER B 192 -18.15 0.11 8.20
CA SER B 192 -17.12 1.09 8.65
CA SER B 192 -17.09 1.05 8.60
C SER B 192 -16.39 0.67 9.91
N LEU B 193 -17.14 0.32 10.96
CA LEU B 193 -16.47 -0.01 12.22
C LEU B 193 -15.62 -1.29 12.11
N TYR B 194 -16.18 -2.32 11.51
CA TYR B 194 -15.42 -3.55 11.24
C TYR B 194 -14.13 -3.21 10.47
N ASN B 195 -14.26 -2.42 9.40
CA ASN B 195 -13.09 -2.10 8.57
C ASN B 195 -12.08 -1.27 9.35
N MET B 196 -12.60 -0.32 10.14
CA MET B 196 -11.72 0.42 11.07
C MET B 196 -10.92 -0.51 11.99
N GLY B 197 -11.59 -1.49 12.61
CA GLY B 197 -10.89 -2.45 13.48
C GLY B 197 -9.81 -3.24 12.75
N LYS B 198 -10.10 -3.71 11.54
CA LYS B 198 -9.13 -4.47 10.77
C LYS B 198 -7.95 -3.62 10.30
N HIS B 199 -8.20 -2.35 9.93
CA HIS B 199 -7.09 -1.44 9.63
C HIS B 199 -6.23 -1.21 10.86
N ALA B 200 -6.90 -1.01 12.00
CA ALA B 200 -6.15 -0.84 13.28
C ALA B 200 -5.29 -2.07 13.54
N LEU B 201 -5.80 -3.25 13.22
CA LEU B 201 -5.04 -4.51 13.44
C LEU B 201 -3.79 -4.59 12.56
N VAL B 202 -3.85 -4.04 11.36
CA VAL B 202 -2.66 -3.93 10.50
C VAL B 202 -1.66 -3.05 11.23
N GLY B 203 -2.11 -1.93 11.75
CA GLY B 203 -1.19 -1.04 12.46
C GLY B 203 -0.57 -1.72 13.66
N LEU B 204 -1.36 -2.44 14.44
CA LEU B 204 -0.86 -3.20 15.60
C LEU B 204 0.19 -4.21 15.15
N THR B 205 -0.11 -4.96 14.10
CA THR B 205 0.83 -5.94 13.57
C THR B 205 2.21 -5.33 13.29
N GLN B 206 2.20 -4.16 12.65
CA GLN B 206 3.42 -3.48 12.28
C GLN B 206 4.12 -2.88 13.51
N SER B 207 3.35 -2.19 14.36
CA SER B 207 3.91 -1.51 15.53
C SER B 207 4.53 -2.52 16.51
N ALA B 208 3.81 -3.61 16.72
CA ALA B 208 4.25 -4.67 17.64
C ALA B 208 5.43 -5.44 17.10
N ALA B 209 5.45 -5.66 15.78
CA ALA B 209 6.61 -6.30 15.13
C ALA B 209 7.85 -5.48 15.45
N LEU B 210 7.75 -4.18 15.26
CA LEU B 210 8.89 -3.28 15.51
CA LEU B 210 8.90 -3.30 15.53
C LEU B 210 9.33 -3.30 16.96
N GLU B 211 8.37 -3.15 17.86
CA GLU B 211 8.66 -3.00 19.29
C GLU B 211 9.08 -4.29 19.98
N LEU B 212 8.55 -5.42 19.54
CA LEU B 212 8.81 -6.70 20.18
C LEU B 212 10.00 -7.45 19.55
N ALA B 213 10.54 -6.93 18.45
CA ALA B 213 11.65 -7.61 17.76
C ALA B 213 12.83 -7.83 18.71
N PRO B 214 13.11 -6.84 19.60
CA PRO B 214 14.27 -6.99 20.53
C PRO B 214 14.12 -8.15 21.50
N TYR B 215 12.89 -8.60 21.69
CA TYR B 215 12.59 -9.69 22.58
C TYR B 215 12.50 -11.04 21.86
N GLY B 216 12.79 -11.04 20.56
CA GLY B 216 12.67 -12.23 19.75
C GLY B 216 11.22 -12.65 19.45
N ILE B 217 10.26 -11.74 19.66
CA ILE B 217 8.85 -12.02 19.36
C ILE B 217 8.49 -11.47 17.97
N ARG B 218 8.17 -12.38 17.07
CA ARG B 218 7.71 -12.03 15.71
C ARG B 218 6.21 -11.77 15.72
N VAL B 219 5.76 -10.80 14.93
CA VAL B 219 4.34 -10.45 14.84
C VAL B 219 3.94 -10.36 13.40
N ASN B 220 3.00 -11.20 12.96
CA ASN B 220 2.66 -11.26 11.56
C ASN B 220 1.17 -11.41 11.42
N GLY B 221 0.72 -11.35 10.20
CA GLY B 221 -0.70 -11.53 9.91
C GLY B 221 -1.00 -12.48 8.78
N VAL B 222 -2.23 -12.97 8.79
CA VAL B 222 -2.83 -13.75 7.71
C VAL B 222 -4.14 -13.09 7.35
N ALA B 223 -4.31 -12.82 6.05
CA ALA B 223 -5.42 -12.00 5.56
C ALA B 223 -6.23 -12.83 4.55
N PRO B 224 -7.27 -13.50 5.06
CA PRO B 224 -8.23 -14.15 4.13
C PRO B 224 -8.97 -13.16 3.27
N GLY B 225 -9.48 -13.65 2.13
CA GLY B 225 -10.41 -12.89 1.31
C GLY B 225 -11.79 -13.36 1.68
N VAL B 226 -12.28 -14.38 0.98
CA VAL B 226 -13.36 -15.18 1.55
C VAL B 226 -12.86 -16.60 1.82
N SER B 227 -13.16 -17.03 3.03
CA SER B 227 -13.01 -18.39 3.50
C SER B 227 -14.40 -18.84 3.92
N LEU B 228 -14.54 -19.45 5.09
CA LEU B 228 -15.87 -19.95 5.50
C LEU B 228 -16.84 -18.80 5.53
N LEU B 229 -17.88 -18.84 4.70
CA LEU B 229 -18.77 -17.73 4.59
C LEU B 229 -19.69 -17.68 5.81
N PRO B 230 -20.21 -16.50 6.13
CA PRO B 230 -21.00 -16.41 7.36
C PRO B 230 -22.27 -17.30 7.30
N VAL B 231 -22.62 -17.89 8.44
CA VAL B 231 -23.78 -18.78 8.57
C VAL B 231 -25.03 -18.09 8.07
N ALA B 232 -25.16 -16.83 8.44
CA ALA B 232 -26.35 -16.07 8.12
C ALA B 232 -26.37 -15.61 6.68
N MET B 233 -25.26 -15.74 5.96
CA MET B 233 -25.28 -15.29 4.57
C MET B 233 -26.10 -16.25 3.72
N GLY B 234 -26.93 -15.70 2.84
CA GLY B 234 -27.79 -16.52 1.95
C GLY B 234 -26.99 -17.18 0.81
N GLU B 235 -27.52 -18.27 0.27
CA GLU B 235 -26.77 -19.06 -0.71
C GLU B 235 -26.48 -18.30 -1.99
N GLU B 236 -27.43 -17.47 -2.44
CA GLU B 236 -27.20 -16.66 -3.62
C GLU B 236 -26.01 -15.74 -3.44
N GLU B 237 -25.96 -15.12 -2.28
CA GLU B 237 -24.89 -14.18 -1.96
C GLU B 237 -23.56 -14.93 -1.81
N LYS B 238 -23.59 -16.10 -1.20
CA LYS B 238 -22.37 -16.92 -1.14
C LYS B 238 -21.87 -17.25 -2.53
N ASP B 239 -22.79 -17.63 -3.43
CA ASP B 239 -22.38 -18.00 -4.76
C ASP B 239 -21.83 -16.80 -5.53
N LYS B 240 -22.36 -15.61 -5.29
CA LYS B 240 -21.85 -14.38 -5.96
C LYS B 240 -20.42 -14.10 -5.53
N TRP B 241 -20.12 -14.27 -4.25
CA TRP B 241 -18.72 -14.14 -3.77
C TRP B 241 -17.79 -15.20 -4.35
N ARG B 242 -18.22 -16.46 -4.29
CA ARG B 242 -17.45 -17.55 -4.90
C ARG B 242 -17.03 -17.25 -6.34
N ARG B 243 -18.00 -16.80 -7.15
CA ARG B 243 -17.79 -16.54 -8.55
C ARG B 243 -16.76 -15.43 -8.84
N LYS B 244 -16.51 -14.60 -7.85
CA LYS B 244 -15.50 -13.56 -7.95
C LYS B 244 -14.07 -13.99 -7.72
N VAL B 245 -13.85 -15.16 -7.15
CA VAL B 245 -12.47 -15.56 -6.77
C VAL B 245 -11.76 -16.14 -8.00
N PRO B 246 -10.66 -15.51 -8.48
CA PRO B 246 -9.99 -15.99 -9.70
C PRO B 246 -9.51 -17.43 -9.60
N LEU B 247 -8.91 -17.78 -8.46
CA LEU B 247 -8.30 -19.09 -8.27
C LEU B 247 -9.33 -20.10 -7.75
N GLY B 248 -10.04 -20.69 -8.71
CA GLY B 248 -10.94 -21.78 -8.42
C GLY B 248 -12.40 -21.41 -8.22
N ARG B 249 -12.73 -20.12 -8.21
CA ARG B 249 -14.11 -19.70 -8.05
C ARG B 249 -14.75 -20.34 -6.82
N ARG B 250 -14.00 -20.31 -5.73
CA ARG B 250 -14.45 -20.89 -4.50
C ARG B 250 -13.76 -20.20 -3.32
N GLU B 251 -14.41 -20.22 -2.18
CA GLU B 251 -13.83 -19.71 -0.96
C GLU B 251 -12.74 -20.62 -0.45
N ALA B 252 -11.85 -20.05 0.34
CA ALA B 252 -10.83 -20.86 0.99
C ALA B 252 -11.43 -21.78 2.05
N SER B 253 -10.81 -22.96 2.23
CA SER B 253 -11.14 -23.77 3.40
C SER B 253 -10.51 -23.11 4.62
N ALA B 254 -11.07 -23.42 5.78
CA ALA B 254 -10.45 -23.02 7.03
C ALA B 254 -9.08 -23.60 7.16
N GLU B 255 -8.89 -24.82 6.68
CA GLU B 255 -7.56 -25.43 6.73
C GLU B 255 -6.49 -24.69 5.90
N GLN B 256 -6.89 -24.15 4.76
CA GLN B 256 -5.99 -23.32 3.95
C GLN B 256 -5.52 -22.06 4.67
N ILE B 257 -6.41 -21.46 5.43
CA ILE B 257 -6.03 -20.31 6.26
C ILE B 257 -5.10 -20.77 7.34
N ALA B 258 -5.45 -21.89 7.99
CA ALA B 258 -4.60 -22.39 9.05
C ALA B 258 -3.15 -22.71 8.56
N ASP B 259 -3.02 -23.21 7.34
CA ASP B 259 -1.71 -23.54 6.77
C ASP B 259 -0.78 -22.32 6.79
N ALA B 260 -1.34 -21.13 6.52
CA ALA B 260 -0.52 -19.91 6.54
C ALA B 260 -0.09 -19.51 7.96
N VAL B 261 -0.97 -19.76 8.93
CA VAL B 261 -0.66 -19.52 10.35
C VAL B 261 0.46 -20.44 10.77
N ILE B 262 0.34 -21.72 10.40
CA ILE B 262 1.38 -22.73 10.71
C ILE B 262 2.73 -22.33 10.14
N PHE B 263 2.76 -21.86 8.90
CA PHE B 263 4.01 -21.38 8.32
C PHE B 263 4.64 -20.27 9.15
N LEU B 264 3.85 -19.24 9.44
CA LEU B 264 4.33 -18.07 10.19
C LEU B 264 4.86 -18.37 11.58
N VAL B 265 4.25 -19.35 12.24
CA VAL B 265 4.75 -19.72 13.59
C VAL B 265 6.00 -20.63 13.51
N SER B 266 6.23 -21.25 12.34
CA SER B 266 7.26 -22.28 12.16
C SER B 266 8.68 -21.71 12.08
N GLY B 267 9.64 -22.62 12.18
CA GLY B 267 11.06 -22.27 12.03
C GLY B 267 11.42 -21.81 10.61
N SER B 268 10.54 -22.07 9.66
CA SER B 268 10.72 -21.62 8.27
C SER B 268 10.37 -20.13 8.06
N ALA B 269 9.90 -19.44 9.11
CA ALA B 269 9.51 -18.03 9.04
C ALA B 269 10.28 -17.21 10.06
N GLN B 270 11.45 -17.71 10.42
CA GLN B 270 12.24 -17.10 11.51
C GLN B 270 12.71 -15.67 11.29
N TYR B 271 12.85 -15.26 10.04
CA TYR B 271 13.20 -13.89 9.74
C TYR B 271 12.00 -13.01 9.37
N ILE B 272 10.82 -13.60 9.37
CA ILE B 272 9.61 -12.88 8.96
C ILE B 272 8.96 -12.20 10.17
N THR B 273 8.89 -10.88 10.15
CA THR B 273 8.09 -10.15 11.14
C THR B 273 7.52 -8.90 10.50
N GLY B 274 6.33 -8.55 10.94
CA GLY B 274 5.60 -7.45 10.34
C GLY B 274 5.02 -7.71 8.98
N SER B 275 4.91 -8.97 8.59
CA SER B 275 4.41 -9.29 7.26
C SER B 275 2.96 -9.76 7.38
N ILE B 276 2.15 -9.38 6.41
CA ILE B 276 0.76 -9.90 6.33
C ILE B 276 0.60 -10.67 5.05
N ILE B 277 0.34 -11.97 5.17
CA ILE B 277 0.24 -12.84 4.01
C ILE B 277 -1.23 -12.93 3.59
N LYS B 278 -1.56 -12.44 2.40
CA LYS B 278 -2.91 -12.66 1.86
C LYS B 278 -3.06 -14.11 1.49
N VAL B 279 -4.24 -14.66 1.80
CA VAL B 279 -4.63 -16.01 1.42
C VAL B 279 -6.03 -15.86 0.83
N ASP B 280 -6.07 -15.33 -0.37
CA ASP B 280 -7.32 -14.81 -0.95
C ASP B 280 -7.65 -15.27 -2.36
N GLY B 281 -6.87 -16.20 -2.89
CA GLY B 281 -7.16 -16.70 -4.24
C GLY B 281 -7.17 -15.63 -5.31
N GLY B 282 -6.53 -14.46 -5.07
CA GLY B 282 -6.59 -13.39 -6.04
C GLY B 282 -7.72 -12.39 -5.90
N LEU B 283 -8.58 -12.59 -4.92
CA LEU B 283 -9.83 -11.81 -4.82
C LEU B 283 -9.56 -10.30 -4.73
N SER B 284 -8.56 -9.87 -3.92
CA SER B 284 -8.25 -8.45 -3.73
C SER B 284 -7.70 -7.80 -5.00
N LEU B 285 -7.32 -8.60 -6.02
CA LEU B 285 -6.81 -8.07 -7.27
C LEU B 285 -7.88 -7.74 -8.29
N VAL B 286 -9.12 -8.13 -8.03
CA VAL B 286 -10.20 -8.05 -9.02
C VAL B 286 -10.87 -6.70 -8.93
N HIS B 287 -10.89 -5.95 -10.02
CA HIS B 287 -11.57 -4.64 -10.07
C HIS B 287 -13.10 -4.76 -10.07
N ALA B 288 -13.77 -3.67 -9.75
CA ALA B 288 -15.22 -3.62 -9.70
C ALA B 288 -15.81 -3.96 -11.05
N GLU C 22 7.59 37.56 -15.99
CA GLU C 22 8.46 36.52 -16.65
C GLU C 22 7.88 35.10 -16.45
N ALA C 23 7.17 34.62 -17.48
CA ALA C 23 6.29 33.47 -17.35
C ALA C 23 7.06 32.11 -17.36
N PRO C 24 6.64 31.21 -16.47
CA PRO C 24 7.28 29.90 -16.45
C PRO C 24 6.83 29.05 -17.62
N ALA C 25 7.52 27.95 -17.86
CA ALA C 25 7.25 27.11 -19.03
C ALA C 25 7.08 25.67 -18.59
N ALA C 26 6.20 24.96 -19.27
CA ALA C 26 5.87 23.56 -18.98
C ALA C 26 5.94 22.71 -20.27
N VAL C 27 6.47 21.50 -20.15
CA VAL C 27 6.37 20.46 -21.18
C VAL C 27 5.26 19.51 -20.79
N VAL C 28 4.31 19.27 -21.70
CA VAL C 28 3.28 18.27 -21.45
C VAL C 28 3.41 17.25 -22.58
N THR C 29 3.67 15.99 -22.23
CA THR C 29 3.78 14.96 -23.26
C THR C 29 2.39 14.46 -23.65
N GLY C 30 2.23 14.09 -24.91
CA GLY C 30 0.94 13.61 -25.44
C GLY C 30 -0.17 14.60 -25.22
N ALA C 31 0.08 15.85 -25.56
CA ALA C 31 -0.79 16.97 -25.21
C ALA C 31 -1.78 17.41 -26.30
N ALA C 32 -1.84 16.68 -27.40
CA ALA C 32 -2.65 17.13 -28.55
C ALA C 32 -4.13 16.91 -28.31
N LYS C 33 -4.46 15.93 -27.47
CA LYS C 33 -5.85 15.55 -27.27
C LYS C 33 -6.13 15.16 -25.84
N ARG C 34 -7.42 15.02 -25.54
CA ARG C 34 -7.89 14.33 -24.33
C ARG C 34 -7.32 14.92 -23.03
N ILE C 35 -6.76 14.10 -22.15
CA ILE C 35 -6.33 14.62 -20.85
C ILE C 35 -5.10 15.51 -20.98
N GLY C 36 -4.13 15.13 -21.81
CA GLY C 36 -2.96 15.97 -21.97
C GLY C 36 -3.32 17.36 -22.51
N ARG C 37 -4.26 17.40 -23.45
CA ARG C 37 -4.76 18.69 -23.94
C ARG C 37 -5.33 19.53 -22.80
N ALA C 38 -6.16 18.92 -21.97
CA ALA C 38 -6.79 19.67 -20.88
C ALA C 38 -5.75 20.18 -19.90
N ILE C 39 -4.72 19.38 -19.63
CA ILE C 39 -3.60 19.84 -18.79
C ILE C 39 -2.85 21.05 -19.42
N ALA C 40 -2.53 20.94 -20.70
CA ALA C 40 -1.83 22.01 -21.39
C ALA C 40 -2.64 23.29 -21.36
N VAL C 41 -3.94 23.17 -21.58
CA VAL C 41 -4.82 24.34 -21.56
C VAL C 41 -4.87 24.99 -20.20
N LYS C 42 -5.02 24.19 -19.15
CA LYS C 42 -5.11 24.76 -17.82
C LYS C 42 -3.80 25.38 -17.38
N LEU C 43 -2.71 24.77 -17.76
CA LEU C 43 -1.45 25.34 -17.42
C LEU C 43 -1.28 26.70 -18.13
N HIS C 44 -1.70 26.73 -19.39
CA HIS C 44 -1.63 27.98 -20.17
C HIS C 44 -2.51 29.06 -19.54
N GLN C 45 -3.72 28.69 -19.13
CA GLN C 45 -4.65 29.61 -18.49
C GLN C 45 -4.10 30.14 -17.17
N THR C 46 -3.31 29.33 -16.47
CA THR C 46 -2.64 29.76 -15.24
C THR C 46 -1.47 30.67 -15.48
N GLY C 47 -1.00 30.82 -16.72
CA GLY C 47 0.14 31.69 -16.99
C GLY C 47 1.39 31.04 -17.56
N TYR C 48 1.38 29.71 -17.73
CA TYR C 48 2.54 29.01 -18.29
C TYR C 48 2.63 29.15 -19.79
N ARG C 49 3.84 29.21 -20.28
CA ARG C 49 4.11 28.92 -21.70
C ARG C 49 4.25 27.41 -21.81
N VAL C 50 3.83 26.82 -22.92
CA VAL C 50 3.74 25.35 -23.01
C VAL C 50 4.37 24.75 -24.28
N VAL C 51 5.09 23.63 -24.09
CA VAL C 51 5.48 22.75 -25.18
C VAL C 51 4.41 21.65 -25.26
N ILE C 52 3.75 21.57 -26.40
CA ILE C 52 2.75 20.58 -26.69
C ILE C 52 3.46 19.47 -27.41
N HIS C 53 3.86 18.44 -26.67
CA HIS C 53 4.49 17.29 -27.31
C HIS C 53 3.41 16.39 -27.91
N TYR C 54 3.72 15.81 -29.07
CA TYR C 54 2.79 14.87 -29.69
C TYR C 54 3.57 13.80 -30.45
N HIS C 55 2.90 12.72 -30.84
CA HIS C 55 3.52 11.71 -31.66
C HIS C 55 2.92 11.69 -33.08
N ASN C 56 1.70 11.16 -33.19
CA ASN C 56 0.99 11.07 -34.46
C ASN C 56 0.00 12.22 -34.69
N SER C 57 -0.49 12.85 -33.61
CA SER C 57 -1.59 13.84 -33.71
C SER C 57 -1.08 15.25 -34.04
N ALA C 58 -0.48 15.40 -35.21
CA ALA C 58 0.15 16.66 -35.59
C ALA C 58 -0.86 17.79 -35.83
N GLU C 59 -1.94 17.47 -36.52
CA GLU C 59 -2.97 18.46 -36.83
C GLU C 59 -3.61 18.97 -35.54
N ALA C 60 -3.95 18.07 -34.63
CA ALA C 60 -4.56 18.46 -33.35
C ALA C 60 -3.63 19.29 -32.49
N ALA C 61 -2.35 18.93 -32.51
CA ALA C 61 -1.30 19.63 -31.76
C ALA C 61 -1.11 21.08 -32.25
N VAL C 62 -0.98 21.22 -33.57
CA VAL C 62 -0.81 22.54 -34.19
C VAL C 62 -2.05 23.41 -33.96
N SER C 63 -3.24 22.82 -34.07
CA SER C 63 -4.49 23.53 -33.83
C SER C 63 -4.56 24.03 -32.38
N LEU C 64 -4.18 23.19 -31.42
CA LEU C 64 -4.05 23.66 -30.01
C LEU C 64 -3.04 24.82 -29.82
N ALA C 65 -1.84 24.70 -30.39
CA ALA C 65 -0.84 25.71 -30.26
C ALA C 65 -1.39 27.03 -30.83
N ASP C 66 -2.13 26.93 -31.92
CA ASP C 66 -2.76 28.13 -32.52
C ASP C 66 -3.79 28.79 -31.58
N GLU C 67 -4.65 28.00 -30.97
CA GLU C 67 -5.60 28.55 -30.01
C GLU C 67 -4.86 29.26 -28.89
N LEU C 68 -3.77 28.67 -28.39
CA LEU C 68 -3.10 29.24 -27.24
C LEU C 68 -2.34 30.51 -27.58
N ASN C 69 -1.64 30.50 -28.71
CA ASN C 69 -0.92 31.68 -29.17
C ASN C 69 -1.85 32.84 -29.57
N LYS C 70 -3.06 32.52 -30.05
CA LYS C 70 -4.06 33.55 -30.32
C LYS C 70 -4.50 34.24 -29.02
N GLU C 71 -4.51 33.50 -27.91
CA GLU C 71 -4.73 34.11 -26.60
C GLU C 71 -3.54 34.92 -26.12
N ARG C 72 -2.35 34.37 -26.26
CA ARG C 72 -1.15 35.06 -25.76
C ARG C 72 -0.02 34.77 -26.68
N SER C 73 0.48 35.82 -27.33
CA SER C 73 1.41 35.60 -28.42
C SER C 73 2.71 34.92 -27.95
N ASN C 74 3.22 33.95 -28.74
CA ASN C 74 4.51 33.32 -28.47
C ASN C 74 4.60 32.56 -27.12
N THR C 75 3.48 31.93 -26.76
CA THR C 75 3.37 31.15 -25.53
C THR C 75 3.16 29.63 -25.73
N ALA C 76 3.14 29.15 -26.97
CA ALA C 76 2.94 27.68 -27.21
C ALA C 76 3.73 27.24 -28.42
N VAL C 77 4.38 26.08 -28.32
CA VAL C 77 5.02 25.46 -29.50
C VAL C 77 4.72 23.98 -29.44
N VAL C 78 4.78 23.32 -30.61
CA VAL C 78 4.63 21.86 -30.69
C VAL C 78 6.00 21.23 -30.76
N CYS C 79 6.09 19.96 -30.35
CA CYS C 79 7.31 19.19 -30.40
C CYS C 79 6.96 17.73 -30.65
N GLN C 80 7.38 17.21 -31.80
CA GLN C 80 7.11 15.82 -32.18
C GLN C 80 8.17 14.85 -31.67
N ALA C 81 7.72 13.74 -31.12
CA ALA C 81 8.63 12.67 -30.77
C ALA C 81 7.91 11.37 -30.48
N ASP C 82 8.52 10.28 -30.96
CA ASP C 82 8.11 8.94 -30.60
C ASP C 82 8.75 8.61 -29.24
N LEU C 83 7.95 8.13 -28.30
CA LEU C 83 8.46 7.81 -26.96
C LEU C 83 8.55 6.32 -26.69
N THR C 84 8.45 5.53 -27.76
CA THR C 84 8.70 4.10 -27.71
C THR C 84 10.15 3.87 -27.27
N ASN C 85 10.38 2.84 -26.45
CA ASN C 85 11.75 2.54 -26.05
C ASN C 85 12.65 2.15 -27.25
N SER C 86 13.88 2.64 -27.22
CA SER C 86 14.88 2.32 -28.25
C SER C 86 16.17 2.95 -27.77
N ASN C 87 17.25 2.66 -28.48
CA ASN C 87 18.53 3.24 -28.11
C ASN C 87 18.65 4.73 -28.36
N VAL C 88 17.72 5.31 -29.12
CA VAL C 88 17.75 6.76 -29.32
CA VAL C 88 17.67 6.74 -29.41
C VAL C 88 16.72 7.48 -28.44
N LEU C 89 15.97 6.73 -27.67
CA LEU C 89 15.01 7.36 -26.78
C LEU C 89 15.69 8.39 -25.85
N PRO C 90 16.88 8.11 -25.28
CA PRO C 90 17.45 9.14 -24.44
C PRO C 90 17.65 10.46 -25.20
N ALA C 91 18.14 10.35 -26.42
CA ALA C 91 18.27 11.56 -27.25
C ALA C 91 16.96 12.28 -27.55
N SER C 92 15.91 11.53 -27.87
CA SER C 92 14.61 12.11 -28.09
C SER C 92 14.07 12.88 -26.86
N CYS C 93 14.22 12.27 -25.68
CA CYS C 93 13.79 12.89 -24.43
C CYS C 93 14.61 14.13 -24.12
N GLU C 94 15.91 14.05 -24.32
CA GLU C 94 16.75 15.24 -24.16
C GLU C 94 16.27 16.36 -25.10
N GLU C 95 15.92 16.00 -26.33
CA GLU C 95 15.49 16.99 -27.32
C GLU C 95 14.15 17.64 -26.97
N ILE C 96 13.27 16.91 -26.29
CA ILE C 96 12.01 17.49 -25.86
C ILE C 96 12.30 18.59 -24.84
N ILE C 97 13.17 18.31 -23.87
CA ILE C 97 13.51 19.30 -22.86
C ILE C 97 14.25 20.46 -23.56
N ASN C 98 15.22 20.14 -24.43
CA ASN C 98 15.90 21.20 -25.20
C ASN C 98 14.93 22.11 -25.94
N SER C 99 13.85 21.54 -26.48
CA SER C 99 12.87 22.33 -27.22
C SER C 99 12.14 23.36 -26.36
N CYS C 100 11.97 23.05 -25.06
CA CYS C 100 11.41 24.02 -24.13
C CYS C 100 12.39 25.14 -23.85
N PHE C 101 13.65 24.83 -23.68
CA PHE C 101 14.65 25.88 -23.48
C PHE C 101 14.85 26.72 -24.77
N ARG C 102 14.81 26.09 -25.93
CA ARG C 102 14.89 26.82 -27.21
C ARG C 102 13.79 27.86 -27.36
N ALA C 103 12.55 27.44 -27.14
CA ALA C 103 11.41 28.30 -27.28
C ALA C 103 11.30 29.33 -26.17
N PHE C 104 11.57 28.94 -24.91
CA PHE C 104 11.16 29.77 -23.76
C PHE C 104 12.27 30.16 -22.82
N GLY C 105 13.44 29.57 -22.98
CA GLY C 105 14.58 29.89 -22.14
C GLY C 105 14.61 29.29 -20.76
N ARG C 106 13.66 28.41 -20.49
CA ARG C 106 13.55 27.79 -19.19
C ARG C 106 12.58 26.62 -19.33
N CYS C 107 12.55 25.77 -18.30
CA CYS C 107 11.60 24.67 -18.23
C CYS C 107 11.33 24.42 -16.74
N ASP C 108 10.15 24.80 -16.29
CA ASP C 108 9.79 24.74 -14.86
C ASP C 108 9.04 23.50 -14.44
N VAL C 109 8.21 22.98 -15.34
CA VAL C 109 7.27 21.90 -15.09
C VAL C 109 7.36 20.87 -16.23
N LEU C 110 7.42 19.59 -15.83
CA LEU C 110 7.30 18.48 -16.76
C LEU C 110 6.06 17.65 -16.39
N VAL C 111 5.17 17.42 -17.33
CA VAL C 111 4.04 16.54 -17.11
C VAL C 111 4.17 15.32 -18.01
N ASN C 112 4.35 14.13 -17.40
CA ASN C 112 4.49 12.90 -18.14
C ASN C 112 3.10 12.27 -18.28
N ASN C 113 2.50 12.57 -19.42
CA ASN C 113 1.14 12.16 -19.74
C ASN C 113 1.01 11.14 -20.88
N ALA C 114 1.84 11.25 -21.91
CA ALA C 114 1.82 10.34 -23.07
C ALA C 114 1.87 8.89 -22.59
N SER C 115 1.06 8.05 -23.20
CA SER C 115 0.93 6.67 -22.77
C SER C 115 0.30 5.79 -23.82
N ALA C 116 0.95 4.66 -24.14
CA ALA C 116 0.30 3.58 -24.91
C ALA C 116 -0.53 2.73 -23.97
N PHE C 117 -1.67 2.26 -24.47
CA PHE C 117 -2.59 1.49 -23.65
C PHE C 117 -3.33 0.49 -24.54
N TYR C 118 -3.03 -0.79 -24.37
CA TYR C 118 -3.71 -1.89 -25.08
C TYR C 118 -3.35 -3.23 -24.42
N PRO C 119 -4.18 -4.25 -24.62
CA PRO C 119 -3.88 -5.56 -24.00
C PRO C 119 -2.68 -6.28 -24.61
N THR C 120 -1.99 -7.04 -23.76
CA THR C 120 -0.88 -7.87 -24.14
C THR C 120 -1.06 -9.19 -23.38
N PRO C 121 -1.95 -10.07 -23.89
CA PRO C 121 -2.25 -11.35 -23.21
C PRO C 121 -1.02 -12.22 -23.02
N LEU C 122 -0.97 -12.87 -21.86
CA LEU C 122 0.12 -13.78 -21.51
C LEU C 122 0.04 -15.08 -22.31
N VAL C 123 -1.17 -15.51 -22.65
CA VAL C 123 -1.33 -16.78 -23.39
C VAL C 123 -2.06 -16.52 -24.70
N GLY C 133 -1.17 -7.46 -34.69
CA GLY C 133 -0.07 -7.28 -35.64
C GLY C 133 1.30 -7.11 -34.99
N LYS C 134 1.34 -6.56 -33.78
CA LYS C 134 2.62 -6.16 -33.19
C LYS C 134 3.39 -7.32 -32.57
N THR C 135 4.70 -7.33 -32.74
CA THR C 135 5.51 -8.31 -32.04
C THR C 135 5.54 -7.99 -30.54
N VAL C 136 5.92 -8.99 -29.74
CA VAL C 136 6.02 -8.76 -28.30
C VAL C 136 7.11 -7.74 -28.01
N GLU C 137 8.19 -7.78 -28.81
CA GLU C 137 9.29 -6.83 -28.70
C GLU C 137 8.74 -5.39 -28.81
N THR C 138 7.87 -5.16 -29.79
CA THR C 138 7.24 -3.86 -30.00
C THR C 138 6.31 -3.47 -28.86
N GLN C 139 5.55 -4.43 -28.37
CA GLN C 139 4.61 -4.18 -27.26
C GLN C 139 5.39 -3.75 -26.02
N VAL C 140 6.48 -4.46 -25.70
CA VAL C 140 7.33 -4.07 -24.58
C VAL C 140 7.82 -2.64 -24.79
N ALA C 141 8.35 -2.39 -25.98
CA ALA C 141 8.95 -1.07 -26.31
C ALA C 141 7.94 0.08 -26.15
N GLU C 142 6.74 -0.09 -26.67
CA GLU C 142 5.74 0.96 -26.59
C GLU C 142 5.16 1.12 -25.20
N LEU C 143 4.82 0.01 -24.55
CA LEU C 143 4.09 0.09 -23.27
C LEU C 143 5.01 0.49 -22.12
N ILE C 144 6.19 -0.11 -22.09
CA ILE C 144 7.18 0.21 -21.07
C ILE C 144 7.87 1.51 -21.41
N GLY C 145 8.12 1.75 -22.69
CA GLY C 145 8.72 3.04 -23.11
C GLY C 145 7.91 4.26 -22.74
N THR C 146 6.65 4.31 -23.17
CA THR C 146 5.86 5.49 -22.97
C THR C 146 5.49 5.66 -21.50
N ASN C 147 5.13 4.58 -20.84
CA ASN C 147 4.66 4.71 -19.45
C ASN C 147 5.74 4.83 -18.38
N ALA C 148 6.97 4.45 -18.68
CA ALA C 148 8.01 4.36 -17.62
C ALA C 148 9.37 4.87 -18.06
N ILE C 149 9.91 4.36 -19.15
CA ILE C 149 11.28 4.71 -19.50
C ILE C 149 11.39 6.15 -20.01
N ALA C 150 10.49 6.57 -20.89
CA ALA C 150 10.52 7.97 -21.34
C ALA C 150 10.32 8.96 -20.16
N PRO C 151 9.38 8.67 -19.25
CA PRO C 151 9.30 9.51 -18.06
C PRO C 151 10.60 9.58 -17.30
N PHE C 152 11.31 8.46 -17.18
CA PHE C 152 12.63 8.47 -16.50
C PHE C 152 13.64 9.34 -17.24
N LEU C 153 13.72 9.16 -18.57
CA LEU C 153 14.72 9.91 -19.35
C LEU C 153 14.38 11.40 -19.40
N LEU C 154 13.08 11.71 -19.54
CA LEU C 154 12.61 13.10 -19.49
C LEU C 154 12.96 13.75 -18.12
N THR C 155 12.79 12.95 -17.07
CA THR C 155 13.12 13.40 -15.71
C THR C 155 14.62 13.67 -15.60
N MET C 156 15.45 12.76 -16.09
CA MET C 156 16.92 12.97 -16.09
C MET C 156 17.26 14.27 -16.84
N SER C 157 16.69 14.44 -18.02
CA SER C 157 17.09 15.62 -18.87
C SER C 157 16.56 16.89 -18.23
N PHE C 158 15.34 16.84 -17.67
CA PHE C 158 14.73 17.99 -16.99
C PHE C 158 15.67 18.40 -15.83
N ALA C 159 16.09 17.45 -14.99
CA ALA C 159 16.95 17.77 -13.84
C ALA C 159 18.32 18.28 -14.28
N GLN C 160 18.88 17.65 -15.32
CA GLN C 160 20.22 17.99 -15.77
C GLN C 160 20.29 19.46 -16.25
N ARG C 161 19.23 19.96 -16.84
CA ARG C 161 19.20 21.35 -17.34
C ARG C 161 18.96 22.40 -16.26
N GLN C 162 18.68 22.02 -15.02
CA GLN C 162 18.44 23.01 -13.97
C GLN C 162 19.78 23.37 -13.30
N SER C 172 11.79 30.36 -8.12
CA SER C 172 11.30 29.25 -8.94
C SER C 172 10.62 28.12 -8.14
N ASN C 173 9.75 27.40 -8.83
CA ASN C 173 8.92 26.34 -8.26
C ASN C 173 8.91 25.22 -9.29
N LEU C 174 9.94 24.42 -9.26
CA LEU C 174 10.17 23.37 -10.26
C LEU C 174 9.46 22.09 -9.84
N SER C 175 8.72 21.48 -10.74
CA SER C 175 8.16 20.17 -10.42
C SER C 175 7.82 19.32 -11.63
N ILE C 176 7.63 18.03 -11.34
CA ILE C 176 7.23 17.02 -12.32
C ILE C 176 5.96 16.36 -11.83
N VAL C 177 5.05 16.13 -12.76
CA VAL C 177 3.83 15.42 -12.46
C VAL C 177 3.69 14.25 -13.44
N ASN C 178 3.60 13.05 -12.87
CA ASN C 178 3.41 11.85 -13.63
C ASN C 178 1.96 11.40 -13.63
N LEU C 179 1.44 11.05 -14.78
CA LEU C 179 0.09 10.53 -14.86
C LEU C 179 0.12 9.02 -14.65
N CYS C 180 -0.42 8.62 -13.51
CA CYS C 180 -0.36 7.26 -12.99
C CYS C 180 -1.72 6.62 -13.26
N ASP C 181 -2.14 5.63 -12.47
CA ASP C 181 -3.39 4.95 -12.71
C ASP C 181 -3.88 4.41 -11.37
N ALA C 182 -5.07 4.87 -10.94
CA ALA C 182 -5.60 4.51 -9.64
C ALA C 182 -5.88 3.01 -9.48
N MET C 183 -6.03 2.31 -10.60
CA MET C 183 -6.34 0.92 -10.59
C MET C 183 -5.10 0.02 -10.74
N VAL C 184 -3.92 0.55 -10.43
CA VAL C 184 -2.68 -0.19 -10.65
C VAL C 184 -2.66 -1.51 -9.86
N ASP C 185 -3.32 -1.53 -8.70
CA ASP C 185 -3.40 -2.78 -7.94
C ASP C 185 -4.64 -3.66 -8.16
N GLN C 186 -5.51 -3.26 -9.09
CA GLN C 186 -6.66 -4.07 -9.46
C GLN C 186 -6.71 -4.00 -10.98
N PRO C 187 -5.72 -4.57 -11.63
CA PRO C 187 -5.50 -4.31 -13.04
C PRO C 187 -6.52 -4.95 -13.98
N CYS C 188 -6.68 -4.34 -15.14
CA CYS C 188 -7.49 -4.91 -16.21
C CYS C 188 -6.89 -6.23 -16.67
N MET C 189 -7.77 -7.18 -16.90
CA MET C 189 -7.38 -8.48 -17.39
C MET C 189 -6.58 -8.37 -18.70
N ALA C 190 -5.43 -9.05 -18.76
CA ALA C 190 -4.58 -9.10 -19.93
C ALA C 190 -3.85 -7.81 -20.29
N PHE C 191 -3.70 -6.89 -19.33
CA PHE C 191 -2.93 -5.66 -19.51
C PHE C 191 -1.61 -5.68 -18.72
N SER C 192 -0.90 -6.82 -18.69
CA SER C 192 0.31 -6.97 -17.84
CA SER C 192 0.28 -6.96 -17.82
C SER C 192 1.34 -5.90 -18.14
N LEU C 193 1.67 -5.68 -19.43
CA LEU C 193 2.77 -4.72 -19.75
C LEU C 193 2.37 -3.26 -19.45
N TYR C 194 1.13 -2.91 -19.78
CA TYR C 194 0.62 -1.60 -19.41
C TYR C 194 0.72 -1.44 -17.88
N ASN C 195 0.27 -2.44 -17.16
CA ASN C 195 0.28 -2.37 -15.69
C ASN C 195 1.69 -2.32 -15.10
N MET C 196 2.61 -3.11 -15.67
CA MET C 196 4.03 -3.03 -15.28
C MET C 196 4.59 -1.62 -15.49
N GLY C 197 4.28 -1.02 -16.63
CA GLY C 197 4.73 0.36 -16.88
C GLY C 197 4.21 1.35 -15.88
N LYS C 198 2.91 1.29 -15.55
CA LYS C 198 2.34 2.20 -14.56
C LYS C 198 2.89 1.94 -13.15
N HIS C 199 3.13 0.69 -12.79
CA HIS C 199 3.79 0.42 -11.53
C HIS C 199 5.19 0.98 -11.50
N ALA C 200 5.93 0.79 -12.60
CA ALA C 200 7.30 1.38 -12.71
C ALA C 200 7.24 2.90 -12.54
N LEU C 201 6.18 3.51 -13.04
CA LEU C 201 6.03 4.98 -12.95
C LEU C 201 5.84 5.44 -11.48
N VAL C 202 5.17 4.64 -10.66
CA VAL C 202 5.01 4.93 -9.24
C VAL C 202 6.42 4.93 -8.63
N GLY C 203 7.19 3.90 -8.96
CA GLY C 203 8.56 3.82 -8.44
C GLY C 203 9.43 4.96 -8.86
N LEU C 204 9.33 5.37 -10.13
CA LEU C 204 10.02 6.57 -10.54
C LEU C 204 9.58 7.80 -9.75
N THR C 205 8.27 7.98 -9.58
CA THR C 205 7.74 9.13 -8.85
C THR C 205 8.41 9.23 -7.48
N GLN C 206 8.50 8.10 -6.78
CA GLN C 206 9.05 8.05 -5.42
C GLN C 206 10.59 8.23 -5.43
N SER C 207 11.25 7.49 -6.30
CA SER C 207 12.71 7.53 -6.43
C SER C 207 13.17 8.91 -6.82
N ALA C 208 12.49 9.52 -7.78
CA ALA C 208 12.89 10.85 -8.25
C ALA C 208 12.53 11.92 -7.21
N ALA C 209 11.42 11.74 -6.48
CA ALA C 209 11.09 12.73 -5.42
C ALA C 209 12.25 12.75 -4.44
N LEU C 210 12.71 11.58 -4.04
CA LEU C 210 13.80 11.45 -3.07
CA LEU C 210 13.81 11.46 -3.07
C LEU C 210 15.09 12.10 -3.58
N GLU C 211 15.47 11.75 -4.80
CA GLU C 211 16.77 12.15 -5.35
C GLU C 211 16.82 13.61 -5.77
N LEU C 212 15.70 14.16 -6.19
CA LEU C 212 15.68 15.52 -6.69
C LEU C 212 15.25 16.55 -5.64
N ALA C 213 14.84 16.09 -4.46
CA ALA C 213 14.44 17.03 -3.42
C ALA C 213 15.55 18.04 -3.09
N PRO C 214 16.81 17.62 -3.06
CA PRO C 214 17.87 18.61 -2.74
C PRO C 214 18.09 19.69 -3.81
N TYR C 215 17.54 19.47 -4.99
CA TYR C 215 17.54 20.45 -6.07
C TYR C 215 16.28 21.31 -6.07
N GLY C 216 15.39 21.09 -5.11
CA GLY C 216 14.16 21.81 -5.07
C GLY C 216 13.18 21.39 -6.17
N ILE C 217 13.37 20.22 -6.74
CA ILE C 217 12.43 19.72 -7.72
C ILE C 217 11.50 18.71 -7.05
N ARG C 218 10.21 19.00 -7.03
CA ARG C 218 9.18 18.12 -6.47
C ARG C 218 8.67 17.18 -7.55
N VAL C 219 8.32 15.97 -7.17
CA VAL C 219 7.88 14.96 -8.16
C VAL C 219 6.66 14.27 -7.61
N ASN C 220 5.55 14.34 -8.31
CA ASN C 220 4.31 13.83 -7.77
C ASN C 220 3.52 13.19 -8.88
N GLY C 221 2.44 12.54 -8.51
CA GLY C 221 1.54 11.89 -9.48
C GLY C 221 0.08 12.23 -9.33
N VAL C 222 -0.63 12.03 -10.44
CA VAL C 222 -2.09 12.13 -10.49
C VAL C 222 -2.56 10.81 -11.07
N ALA C 223 -3.46 10.13 -10.35
CA ALA C 223 -3.93 8.81 -10.74
C ALA C 223 -5.44 8.76 -11.04
N PRO C 224 -5.81 8.94 -12.32
CA PRO C 224 -7.20 8.76 -12.70
C PRO C 224 -7.67 7.32 -12.48
N GLY C 225 -8.97 7.14 -12.33
CA GLY C 225 -9.60 5.81 -12.37
C GLY C 225 -10.13 5.62 -13.78
N VAL C 226 -11.39 6.01 -14.00
CA VAL C 226 -11.87 6.25 -15.37
C VAL C 226 -12.11 7.73 -15.56
N SER C 227 -11.51 8.24 -16.62
CA SER C 227 -11.75 9.56 -17.09
C SER C 227 -12.25 9.34 -18.51
N LEU C 228 -11.76 10.11 -19.46
CA LEU C 228 -12.19 9.96 -20.87
C LEU C 228 -11.95 8.57 -21.34
N LEU C 229 -13.04 7.88 -21.70
CA LEU C 229 -12.94 6.49 -22.07
C LEU C 229 -12.35 6.37 -23.47
N PRO C 230 -11.71 5.22 -23.77
CA PRO C 230 -11.04 5.10 -25.06
C PRO C 230 -12.01 5.29 -26.23
N VAL C 231 -11.53 5.95 -27.26
CA VAL C 231 -12.36 6.27 -28.44
C VAL C 231 -12.94 5.01 -29.05
N ALA C 232 -12.16 3.95 -29.08
CA ALA C 232 -12.60 2.68 -29.67
C ALA C 232 -13.69 1.99 -28.84
N MET C 233 -13.86 2.39 -27.58
CA MET C 233 -14.78 1.68 -26.69
C MET C 233 -16.24 1.91 -27.07
N GLY C 234 -17.03 0.85 -27.06
CA GLY C 234 -18.46 0.98 -27.36
C GLY C 234 -19.22 1.66 -26.25
N GLU C 235 -20.28 2.39 -26.60
CA GLU C 235 -21.10 3.11 -25.61
C GLU C 235 -21.62 2.22 -24.46
N GLU C 236 -21.96 0.98 -24.78
CA GLU C 236 -22.41 0.00 -23.76
C GLU C 236 -21.34 -0.31 -22.76
N GLU C 237 -20.15 -0.56 -23.28
CA GLU C 237 -18.99 -0.84 -22.44
C GLU C 237 -18.64 0.39 -21.58
N LYS C 238 -18.71 1.58 -22.16
CA LYS C 238 -18.50 2.81 -21.40
C LYS C 238 -19.44 2.92 -20.21
N ASP C 239 -20.73 2.66 -20.46
CA ASP C 239 -21.73 2.79 -19.43
C ASP C 239 -21.52 1.80 -18.32
N LYS C 240 -21.02 0.62 -18.66
CA LYS C 240 -20.70 -0.39 -17.66
C LYS C 240 -19.63 0.15 -16.67
N TRP C 241 -18.63 0.83 -17.22
CA TRP C 241 -17.57 1.44 -16.38
C TRP C 241 -18.11 2.61 -15.58
N ARG C 242 -18.93 3.44 -16.22
CA ARG C 242 -19.48 4.59 -15.54
C ARG C 242 -20.28 4.15 -14.31
N ARG C 243 -21.06 3.08 -14.45
CA ARG C 243 -21.92 2.65 -13.36
C ARG C 243 -21.17 2.13 -12.14
N LYS C 244 -19.88 1.85 -12.28
CA LYS C 244 -19.07 1.34 -11.18
C LYS C 244 -18.54 2.44 -10.29
N VAL C 245 -18.59 3.68 -10.77
CA VAL C 245 -17.97 4.80 -10.02
C VAL C 245 -18.92 5.27 -8.89
N PRO C 246 -18.51 5.13 -7.61
CA PRO C 246 -19.40 5.53 -6.51
C PRO C 246 -19.85 7.02 -6.58
N LEU C 247 -18.92 7.91 -6.90
CA LEU C 247 -19.16 9.34 -6.88
C LEU C 247 -19.74 9.77 -8.24
N GLY C 248 -21.06 9.74 -8.36
CA GLY C 248 -21.72 10.27 -9.56
C GLY C 248 -22.00 9.29 -10.68
N ARG C 249 -21.49 8.06 -10.61
CA ARG C 249 -21.65 7.09 -11.66
C ARG C 249 -21.30 7.63 -13.03
N ARG C 250 -20.16 8.31 -13.08
CA ARG C 250 -19.68 8.88 -14.31
C ARG C 250 -18.17 8.96 -14.24
N GLU C 251 -17.56 9.11 -15.41
CA GLU C 251 -16.14 9.25 -15.55
C GLU C 251 -15.71 10.69 -15.20
N ALA C 252 -14.45 10.86 -14.82
CA ALA C 252 -13.93 12.18 -14.60
C ALA C 252 -13.83 12.89 -15.95
N SER C 253 -14.09 14.17 -15.96
CA SER C 253 -13.72 15.02 -17.09
C SER C 253 -12.20 15.17 -17.16
N ALA C 254 -11.70 15.48 -18.34
CA ALA C 254 -10.27 15.78 -18.49
C ALA C 254 -9.90 16.97 -17.61
N GLU C 255 -10.82 17.92 -17.49
CA GLU C 255 -10.58 19.12 -16.71
C GLU C 255 -10.38 18.78 -15.21
N GLN C 256 -11.14 17.80 -14.74
CA GLN C 256 -11.06 17.36 -13.32
C GLN C 256 -9.67 16.77 -13.04
N ILE C 257 -9.17 15.99 -14.01
CA ILE C 257 -7.79 15.46 -13.92
C ILE C 257 -6.83 16.64 -13.93
N ALA C 258 -7.01 17.55 -14.88
CA ALA C 258 -6.12 18.70 -14.98
C ALA C 258 -6.05 19.52 -13.69
N ASP C 259 -7.19 19.64 -13.01
CA ASP C 259 -7.26 20.42 -11.77
C ASP C 259 -6.23 19.90 -10.73
N ALA C 260 -6.07 18.58 -10.65
CA ALA C 260 -5.15 18.01 -9.70
C ALA C 260 -3.71 18.29 -10.08
N VAL C 261 -3.43 18.28 -11.39
CA VAL C 261 -2.12 18.62 -11.88
C VAL C 261 -1.81 20.08 -11.50
N ILE C 262 -2.77 20.96 -11.73
CA ILE C 262 -2.59 22.40 -11.44
C ILE C 262 -2.29 22.58 -9.95
N PHE C 263 -3.00 21.86 -9.09
CA PHE C 263 -2.73 21.96 -7.64
C PHE C 263 -1.29 21.57 -7.34
N LEU C 264 -0.86 20.43 -7.85
CA LEU C 264 0.46 19.93 -7.54
C LEU C 264 1.63 20.84 -8.05
N VAL C 265 1.42 21.55 -9.15
CA VAL C 265 2.49 22.43 -9.62
C VAL C 265 2.48 23.79 -8.89
N SER C 266 1.36 24.09 -8.21
CA SER C 266 1.14 25.40 -7.58
C SER C 266 1.94 25.56 -6.30
N GLY C 267 2.04 26.80 -5.88
CA GLY C 267 2.60 27.11 -4.56
C GLY C 267 1.80 26.56 -3.37
N SER C 268 0.56 26.11 -3.61
CA SER C 268 -0.23 25.46 -2.55
C SER C 268 0.22 24.04 -2.27
N ALA C 269 1.17 23.53 -3.06
CA ALA C 269 1.70 22.17 -2.90
C ALA C 269 3.19 22.18 -2.68
N GLN C 270 3.70 23.29 -2.13
CA GLN C 270 5.15 23.45 -2.06
C GLN C 270 5.88 22.48 -1.13
N TYR C 271 5.18 21.82 -0.19
CA TYR C 271 5.83 20.82 0.67
C TYR C 271 5.48 19.39 0.21
N ILE C 272 4.72 19.26 -0.88
CA ILE C 272 4.28 17.94 -1.36
C ILE C 272 5.27 17.40 -2.39
N THR C 273 5.84 16.25 -2.08
CA THR C 273 6.67 15.53 -3.05
C THR C 273 6.58 14.05 -2.75
N GLY C 274 6.61 13.29 -3.82
CA GLY C 274 6.41 11.85 -3.77
C GLY C 274 5.01 11.39 -3.48
N SER C 275 4.03 12.26 -3.69
CA SER C 275 2.64 11.97 -3.41
C SER C 275 1.95 11.69 -4.73
N ILE C 276 1.07 10.69 -4.71
CA ILE C 276 0.23 10.33 -5.85
C ILE C 276 -1.23 10.54 -5.46
N ILE C 277 -1.90 11.50 -6.10
CA ILE C 277 -3.27 11.87 -5.77
C ILE C 277 -4.22 11.09 -6.67
N LYS C 278 -5.03 10.22 -6.08
CA LYS C 278 -6.08 9.56 -6.85
C LYS C 278 -7.14 10.57 -7.19
N VAL C 279 -7.64 10.52 -8.42
CA VAL C 279 -8.76 11.34 -8.85
C VAL C 279 -9.73 10.35 -9.53
N ASP C 280 -10.39 9.54 -8.72
CA ASP C 280 -11.09 8.34 -9.22
C ASP C 280 -12.53 8.16 -8.78
N GLY C 281 -13.09 9.16 -8.09
CA GLY C 281 -14.50 9.09 -7.62
C GLY C 281 -14.81 7.88 -6.76
N GLY C 282 -13.79 7.29 -6.12
CA GLY C 282 -13.97 6.14 -5.25
C GLY C 282 -13.81 4.79 -5.94
N LEU C 283 -13.51 4.79 -7.24
CA LEU C 283 -13.51 3.55 -8.02
C LEU C 283 -12.59 2.49 -7.48
N SER C 284 -11.37 2.89 -7.11
CA SER C 284 -10.40 1.91 -6.58
C SER C 284 -10.81 1.26 -5.22
N LEU C 285 -11.82 1.82 -4.56
CA LEU C 285 -12.30 1.31 -3.26
C LEU C 285 -13.38 0.26 -3.43
N VAL C 286 -13.83 0.07 -4.66
CA VAL C 286 -14.99 -0.82 -4.90
C VAL C 286 -14.55 -2.27 -5.09
N HIS C 287 -15.03 -3.17 -4.24
CA HIS C 287 -14.64 -4.59 -4.37
C HIS C 287 -15.26 -5.21 -5.61
N ALA C 288 -14.75 -6.38 -5.97
CA ALA C 288 -15.26 -7.13 -7.11
C ALA C 288 -16.74 -7.44 -6.93
N GLU D 22 -25.55 32.34 0.23
CA GLU D 22 -24.80 32.65 1.48
C GLU D 22 -23.65 31.64 1.70
N ALA D 23 -22.92 31.81 2.79
CA ALA D 23 -21.62 31.20 2.93
C ALA D 23 -21.72 29.78 3.47
N PRO D 24 -20.84 28.91 3.02
CA PRO D 24 -20.82 27.58 3.61
C PRO D 24 -20.26 27.59 5.04
N ALA D 25 -20.42 26.49 5.73
CA ALA D 25 -19.94 26.36 7.10
C ALA D 25 -19.10 25.10 7.29
N ALA D 26 -18.07 25.21 8.15
CA ALA D 26 -17.15 24.08 8.47
C ALA D 26 -17.02 23.87 9.96
N VAL D 27 -16.94 22.60 10.35
CA VAL D 27 -16.48 22.24 11.70
C VAL D 27 -15.04 21.78 11.63
N VAL D 28 -14.17 22.36 12.47
CA VAL D 28 -12.82 21.91 12.59
C VAL D 28 -12.57 21.45 14.05
N THR D 29 -12.22 20.19 14.25
CA THR D 29 -12.01 19.70 15.59
C THR D 29 -10.60 20.03 16.03
N GLY D 30 -10.42 20.28 17.32
CA GLY D 30 -9.15 20.68 17.83
C GLY D 30 -8.54 21.89 17.14
N ALA D 31 -9.33 22.95 17.00
CA ALA D 31 -8.98 24.09 16.17
C ALA D 31 -8.36 25.27 16.91
N ALA D 32 -8.12 25.12 18.22
CA ALA D 32 -7.61 26.27 18.99
C ALA D 32 -6.15 26.59 18.73
N LYS D 33 -5.36 25.61 18.35
CA LYS D 33 -3.92 25.79 18.24
C LYS D 33 -3.37 25.06 17.02
N ARG D 34 -2.15 25.42 16.66
CA ARG D 34 -1.33 24.61 15.77
C ARG D 34 -2.02 24.32 14.45
N ILE D 35 -2.04 23.07 14.01
CA ILE D 35 -2.56 22.80 12.66
C ILE D 35 -4.06 23.06 12.49
N GLY D 36 -4.85 22.66 13.47
CA GLY D 36 -6.28 22.93 13.45
C GLY D 36 -6.61 24.42 13.36
N ARG D 37 -5.86 25.25 14.10
CA ARG D 37 -6.02 26.69 14.04
C ARG D 37 -5.77 27.20 12.61
N ALA D 38 -4.71 26.72 11.98
CA ALA D 38 -4.35 27.20 10.65
C ALA D 38 -5.39 26.78 9.63
N ILE D 39 -5.93 25.57 9.79
CA ILE D 39 -7.01 25.09 8.94
C ILE D 39 -8.26 25.98 9.09
N ALA D 40 -8.67 26.25 10.34
CA ALA D 40 -9.82 27.10 10.60
C ALA D 40 -9.63 28.50 9.97
N VAL D 41 -8.46 29.07 10.18
CA VAL D 41 -8.18 30.40 9.62
C VAL D 41 -8.24 30.43 8.09
N LYS D 42 -7.67 29.43 7.45
CA LYS D 42 -7.67 29.36 6.01
C LYS D 42 -9.05 29.12 5.47
N LEU D 43 -9.82 28.24 6.13
CA LEU D 43 -11.17 28.05 5.69
C LEU D 43 -11.97 29.36 5.80
N HIS D 44 -11.73 30.07 6.92
CA HIS D 44 -12.44 31.33 7.16
C HIS D 44 -12.02 32.36 6.09
N GLN D 45 -10.73 32.46 5.79
CA GLN D 45 -10.25 33.36 4.71
C GLN D 45 -10.82 33.02 3.35
N THR D 46 -11.11 31.75 3.14
CA THR D 46 -11.77 31.26 1.91
C THR D 46 -13.24 31.62 1.80
N GLY D 47 -13.86 32.07 2.90
CA GLY D 47 -15.31 32.38 2.90
C GLY D 47 -16.19 31.53 3.80
N TYR D 48 -15.62 30.54 4.48
CA TYR D 48 -16.40 29.70 5.36
C TYR D 48 -16.68 30.38 6.67
N ARG D 49 -17.86 30.08 7.22
CA ARG D 49 -18.12 30.23 8.66
C ARG D 49 -17.60 29.00 9.35
N VAL D 50 -17.05 29.15 10.57
CA VAL D 50 -16.36 28.02 11.21
C VAL D 50 -16.85 27.75 12.63
N VAL D 51 -16.97 26.48 12.97
CA VAL D 51 -17.07 26.02 14.37
C VAL D 51 -15.70 25.59 14.83
N ILE D 52 -15.22 26.30 15.83
CA ILE D 52 -13.92 26.06 16.43
C ILE D 52 -14.12 25.13 17.61
N HIS D 53 -13.93 23.84 17.36
CA HIS D 53 -14.02 22.87 18.43
C HIS D 53 -12.71 22.83 19.24
N TYR D 54 -12.84 22.62 20.55
CA TYR D 54 -11.67 22.57 21.44
C TYR D 54 -12.01 21.69 22.67
N HIS D 55 -11.01 21.33 23.44
CA HIS D 55 -11.16 20.53 24.63
C HIS D 55 -10.73 21.36 25.84
N ASN D 56 -9.44 21.51 26.04
CA ASN D 56 -8.94 22.30 27.19
C ASN D 56 -8.60 23.76 26.84
N SER D 57 -8.34 24.03 25.56
CA SER D 57 -7.75 25.33 25.19
C SER D 57 -8.80 26.41 24.96
N ALA D 58 -9.52 26.79 26.02
CA ALA D 58 -10.65 27.70 25.88
C ALA D 58 -10.20 29.09 25.51
N GLU D 59 -9.19 29.57 26.20
CA GLU D 59 -8.66 30.89 25.91
C GLU D 59 -8.27 31.06 24.44
N ALA D 60 -7.51 30.10 23.94
CA ALA D 60 -7.04 30.13 22.55
C ALA D 60 -8.21 30.03 21.59
N ALA D 61 -9.17 29.15 21.86
CA ALA D 61 -10.37 29.01 21.03
C ALA D 61 -11.22 30.28 20.97
N VAL D 62 -11.52 30.83 22.14
CA VAL D 62 -12.25 32.08 22.24
C VAL D 62 -11.52 33.24 21.56
N SER D 63 -10.21 33.35 21.75
CA SER D 63 -9.39 34.37 21.07
C SER D 63 -9.45 34.24 19.56
N LEU D 64 -9.41 33.00 19.07
CA LEU D 64 -9.46 32.77 17.63
C LEU D 64 -10.83 33.19 17.09
N ALA D 65 -11.90 32.78 17.77
CA ALA D 65 -13.23 33.15 17.31
C ALA D 65 -13.39 34.70 17.27
N ASP D 66 -12.83 35.34 18.29
CA ASP D 66 -12.83 36.81 18.39
C ASP D 66 -12.13 37.42 17.14
N GLU D 67 -10.93 36.93 16.83
CA GLU D 67 -10.18 37.39 15.65
C GLU D 67 -10.98 37.24 14.37
N LEU D 68 -11.62 36.09 14.18
CA LEU D 68 -12.38 35.84 12.97
C LEU D 68 -13.68 36.66 12.89
N ASN D 69 -14.39 36.78 14.01
CA ASN D 69 -15.61 37.58 14.02
C ASN D 69 -15.35 39.09 13.84
N LYS D 70 -14.21 39.56 14.30
CA LYS D 70 -13.77 40.94 14.03
C LYS D 70 -13.54 41.14 12.54
N GLU D 71 -13.08 40.12 11.84
CA GLU D 71 -12.94 40.18 10.41
C GLU D 71 -14.33 40.18 9.72
N ARG D 72 -15.22 39.28 10.11
CA ARG D 72 -16.56 39.18 9.55
C ARG D 72 -17.54 38.78 10.65
N SER D 73 -18.55 39.62 10.93
CA SER D 73 -19.39 39.43 12.11
CA SER D 73 -19.38 39.42 12.11
C SER D 73 -20.09 38.07 12.13
N ASN D 74 -20.11 37.43 13.29
CA ASN D 74 -20.79 36.15 13.53
C ASN D 74 -20.52 35.09 12.45
N THR D 75 -19.25 34.97 12.12
CA THR D 75 -18.78 33.91 11.23
C THR D 75 -17.98 32.85 11.95
N ALA D 76 -17.90 32.94 13.27
CA ALA D 76 -17.18 31.94 14.07
C ALA D 76 -17.87 31.71 15.41
N VAL D 77 -17.82 30.46 15.85
CA VAL D 77 -18.35 30.06 17.15
C VAL D 77 -17.39 29.03 17.73
N VAL D 78 -17.37 28.92 19.04
CA VAL D 78 -16.59 27.88 19.72
C VAL D 78 -17.53 26.76 20.22
N CYS D 79 -16.97 25.56 20.31
CA CYS D 79 -17.71 24.42 20.82
C CYS D 79 -16.78 23.46 21.53
N GLN D 80 -16.98 23.35 22.82
CA GLN D 80 -16.12 22.52 23.63
C GLN D 80 -16.66 21.08 23.72
N ALA D 81 -15.76 20.11 23.57
CA ALA D 81 -16.09 18.70 23.89
C ALA D 81 -14.85 17.84 24.07
N ASP D 82 -14.91 16.92 25.06
CA ASP D 82 -13.94 15.82 25.14
C ASP D 82 -14.31 14.79 24.06
N LEU D 83 -13.32 14.35 23.29
CA LEU D 83 -13.54 13.37 22.24
C LEU D 83 -12.93 12.01 22.60
N THR D 84 -12.57 11.84 23.87
CA THR D 84 -12.24 10.53 24.40
C THR D 84 -13.41 9.56 24.21
N ASN D 85 -13.13 8.29 23.93
CA ASN D 85 -14.21 7.33 23.79
C ASN D 85 -14.90 7.13 25.16
N SER D 86 -16.23 7.08 25.12
CA SER D 86 -17.06 6.88 26.32
C SER D 86 -18.48 6.61 25.88
N ASN D 87 -19.34 6.34 26.87
CA ASN D 87 -20.79 6.21 26.66
C ASN D 87 -21.47 7.49 26.13
N VAL D 88 -20.90 8.65 26.41
CA VAL D 88 -21.52 9.91 25.99
C VAL D 88 -20.89 10.47 24.72
N LEU D 89 -19.87 9.81 24.19
CA LEU D 89 -19.21 10.39 22.99
C LEU D 89 -20.16 10.53 21.80
N PRO D 90 -21.02 9.56 21.54
CA PRO D 90 -21.93 9.82 20.41
C PRO D 90 -22.81 11.08 20.55
N ALA D 91 -23.38 11.30 21.74
CA ALA D 91 -24.15 12.52 21.97
C ALA D 91 -23.26 13.74 21.83
N SER D 92 -22.04 13.66 22.34
CA SER D 92 -21.11 14.79 22.23
C SER D 92 -20.85 15.15 20.77
N CYS D 93 -20.66 14.13 19.93
CA CYS D 93 -20.34 14.39 18.51
C CYS D 93 -21.58 14.94 17.79
N GLU D 94 -22.75 14.41 18.13
CA GLU D 94 -24.00 14.92 17.57
C GLU D 94 -24.17 16.41 17.89
N GLU D 95 -23.81 16.78 19.11
CA GLU D 95 -23.90 18.18 19.55
C GLU D 95 -22.90 19.11 18.86
N ILE D 96 -21.74 18.59 18.49
CA ILE D 96 -20.78 19.38 17.74
C ILE D 96 -21.36 19.76 16.39
N ILE D 97 -21.89 18.77 15.70
CA ILE D 97 -22.52 19.02 14.40
C ILE D 97 -23.76 19.93 14.58
N ASN D 98 -24.58 19.63 15.59
CA ASN D 98 -25.72 20.49 15.95
C ASN D 98 -25.32 21.96 16.17
N SER D 99 -24.16 22.20 16.78
CA SER D 99 -23.72 23.55 17.05
C SER D 99 -23.41 24.31 15.76
N CYS D 100 -22.99 23.60 14.70
CA CYS D 100 -22.80 24.22 13.42
C CYS D 100 -24.15 24.61 12.80
N PHE D 101 -25.13 23.74 12.89
CA PHE D 101 -26.47 24.09 12.37
C PHE D 101 -27.12 25.22 13.19
N ARG D 102 -26.95 25.19 14.50
CA ARG D 102 -27.45 26.28 15.36
C ARG D 102 -26.92 27.64 14.93
N ALA D 103 -25.60 27.70 14.80
CA ALA D 103 -24.93 28.92 14.43
C ALA D 103 -25.17 29.38 13.01
N PHE D 104 -25.19 28.44 12.05
CA PHE D 104 -25.04 28.82 10.65
C PHE D 104 -26.08 28.25 9.73
N GLY D 105 -26.92 27.37 10.26
CA GLY D 105 -28.04 26.79 9.51
C GLY D 105 -27.64 25.70 8.54
N ARG D 106 -26.36 25.30 8.53
CA ARG D 106 -25.87 24.31 7.55
C ARG D 106 -24.50 23.80 8.04
N CYS D 107 -24.08 22.64 7.53
CA CYS D 107 -22.72 22.14 7.83
C CYS D 107 -22.20 21.51 6.53
N ASP D 108 -21.27 22.17 5.88
CA ASP D 108 -20.78 21.72 4.60
C ASP D 108 -19.53 20.88 4.68
N VAL D 109 -18.68 21.19 5.65
CA VAL D 109 -17.34 20.60 5.72
C VAL D 109 -17.09 20.18 7.16
N LEU D 110 -16.56 18.97 7.35
CA LEU D 110 -16.06 18.48 8.63
C LEU D 110 -14.58 18.16 8.50
N VAL D 111 -13.77 18.73 9.38
CA VAL D 111 -12.35 18.44 9.41
C VAL D 111 -12.03 17.75 10.74
N ASN D 112 -11.70 16.45 10.67
CA ASN D 112 -11.29 15.68 11.88
C ASN D 112 -9.82 15.83 12.09
N ASN D 113 -9.50 16.76 12.98
CA ASN D 113 -8.13 17.17 13.29
C ASN D 113 -7.68 16.85 14.69
N ALA D 114 -8.59 16.93 15.66
CA ALA D 114 -8.24 16.73 17.06
C ALA D 114 -7.63 15.36 17.26
N SER D 115 -6.60 15.28 18.09
CA SER D 115 -5.87 14.02 18.20
C SER D 115 -5.00 13.96 19.45
N ALA D 116 -5.17 12.88 20.23
CA ALA D 116 -4.22 12.59 21.31
C ALA D 116 -3.03 11.87 20.72
N PHE D 117 -1.82 12.14 21.24
CA PHE D 117 -0.62 11.63 20.70
C PHE D 117 0.40 11.47 21.84
N TYR D 118 0.66 10.24 22.21
CA TYR D 118 1.67 9.95 23.21
C TYR D 118 1.99 8.47 23.18
N PRO D 119 3.16 8.10 23.73
CA PRO D 119 3.56 6.69 23.72
C PRO D 119 2.73 5.81 24.68
N THR D 120 2.54 4.55 24.30
CA THR D 120 1.88 3.53 25.09
C THR D 120 2.69 2.23 24.89
N PRO D 121 3.80 2.11 25.62
CA PRO D 121 4.66 0.95 25.39
C PRO D 121 3.96 -0.36 25.68
N LEU D 122 4.32 -1.38 24.90
CA LEU D 122 3.75 -2.71 25.08
C LEU D 122 4.28 -3.42 26.33
N VAL D 123 5.52 -3.12 26.71
CA VAL D 123 6.13 -3.67 27.90
C VAL D 123 6.52 -2.57 28.89
N GLN D 124 6.19 -2.80 30.17
CA GLN D 124 6.40 -1.80 31.24
C GLN D 124 7.89 -1.57 31.55
N GLY D 133 0.46 7.29 36.25
CA GLY D 133 -0.26 8.03 35.21
C GLY D 133 -1.55 7.34 34.81
N LYS D 134 -1.83 7.37 33.51
CA LYS D 134 -3.09 6.88 32.96
C LYS D 134 -3.14 5.37 32.95
N THR D 135 -4.33 4.81 33.18
CA THR D 135 -4.52 3.38 33.00
C THR D 135 -4.49 3.08 31.50
N VAL D 136 -4.23 1.82 31.16
CA VAL D 136 -4.22 1.46 29.75
C VAL D 136 -5.63 1.64 29.15
N GLU D 137 -6.69 1.33 29.90
CA GLU D 137 -8.04 1.54 29.34
C GLU D 137 -8.32 3.02 29.03
N THR D 138 -7.75 3.92 29.82
CA THR D 138 -7.87 5.36 29.55
C THR D 138 -7.06 5.78 28.30
N GLN D 139 -5.86 5.22 28.16
CA GLN D 139 -5.05 5.43 26.96
C GLN D 139 -5.76 4.95 25.69
N VAL D 140 -6.33 3.76 25.73
CA VAL D 140 -7.19 3.27 24.65
C VAL D 140 -8.30 4.25 24.35
N ALA D 141 -9.05 4.65 25.39
CA ALA D 141 -10.13 5.60 25.22
C ALA D 141 -9.68 6.90 24.53
N GLU D 142 -8.57 7.48 25.00
CA GLU D 142 -8.13 8.77 24.46
C GLU D 142 -7.58 8.64 23.04
N LEU D 143 -6.71 7.67 22.83
CA LEU D 143 -5.99 7.59 21.55
C LEU D 143 -6.88 7.06 20.45
N ILE D 144 -7.66 6.03 20.75
CA ILE D 144 -8.58 5.49 19.76
C ILE D 144 -9.84 6.36 19.63
N GLY D 145 -10.32 6.92 20.73
CA GLY D 145 -11.43 7.85 20.62
C GLY D 145 -11.15 9.07 19.75
N THR D 146 -10.08 9.78 20.04
CA THR D 146 -9.79 11.03 19.33
C THR D 146 -9.45 10.77 17.87
N ASN D 147 -8.71 9.71 17.60
CA ASN D 147 -8.15 9.51 16.26
C ASN D 147 -9.04 8.75 15.35
N ALA D 148 -10.02 8.02 15.91
CA ALA D 148 -10.84 7.11 15.11
C ALA D 148 -12.32 7.12 15.44
N ILE D 149 -12.66 6.87 16.71
CA ILE D 149 -14.07 6.72 17.03
C ILE D 149 -14.83 8.05 16.91
N ALA D 150 -14.25 9.13 17.42
CA ALA D 150 -14.89 10.45 17.31
C ALA D 150 -15.04 10.84 15.83
N PRO D 151 -14.01 10.64 15.02
CA PRO D 151 -14.24 10.91 13.59
C PRO D 151 -15.37 10.10 12.99
N PHE D 152 -15.50 8.82 13.39
CA PHE D 152 -16.60 7.97 12.88
C PHE D 152 -17.97 8.56 13.33
N LEU D 153 -18.08 8.93 14.60
CA LEU D 153 -19.35 9.43 15.15
C LEU D 153 -19.70 10.82 14.56
N LEU D 154 -18.71 11.69 14.45
CA LEU D 154 -18.89 12.97 13.76
C LEU D 154 -19.32 12.77 12.31
N THR D 155 -18.73 11.78 11.64
CA THR D 155 -19.10 11.45 10.29
C THR D 155 -20.55 10.97 10.18
N MET D 156 -20.98 10.10 11.10
CA MET D 156 -22.39 9.68 11.20
CA MET D 156 -22.38 9.68 11.15
C MET D 156 -23.32 10.88 11.34
N SER D 157 -23.01 11.74 12.30
CA SER D 157 -23.85 12.88 12.63
C SER D 157 -23.87 13.89 11.49
N PHE D 158 -22.73 14.10 10.86
CA PHE D 158 -22.64 15.01 9.71
C PHE D 158 -23.52 14.51 8.58
N ALA D 159 -23.41 13.23 8.25
CA ALA D 159 -24.18 12.69 7.15
C ALA D 159 -25.66 12.66 7.47
N GLN D 160 -26.01 12.27 8.69
CA GLN D 160 -27.42 12.13 9.08
C GLN D 160 -28.14 13.47 8.92
N ARG D 161 -27.43 14.57 9.20
CA ARG D 161 -28.01 15.90 9.17
C ARG D 161 -28.16 16.46 7.79
N GLN D 162 -27.62 15.81 6.76
CA GLN D 162 -27.74 16.32 5.38
C GLN D 162 -29.03 15.80 4.73
N SER D 172 -24.29 22.29 -4.13
CA SER D 172 -23.58 22.02 -2.87
C SER D 172 -22.23 21.26 -3.08
N ASN D 173 -21.35 21.38 -2.09
CA ASN D 173 -20.03 20.77 -2.16
C ASN D 173 -19.66 20.32 -0.75
N LEU D 174 -20.22 19.18 -0.38
CA LEU D 174 -20.10 18.65 0.97
C LEU D 174 -18.88 17.72 1.04
N SER D 175 -18.06 17.88 2.07
CA SER D 175 -16.95 16.95 2.23
C SER D 175 -16.37 16.89 3.62
N ILE D 176 -15.59 15.84 3.83
CA ILE D 176 -14.94 15.56 5.09
C ILE D 176 -13.47 15.40 4.80
N VAL D 177 -12.63 16.01 5.64
CA VAL D 177 -11.20 15.82 5.54
C VAL D 177 -10.68 15.31 6.88
N ASN D 178 -10.00 14.17 6.85
CA ASN D 178 -9.45 13.50 8.03
C ASN D 178 -7.95 13.73 8.10
N LEU D 179 -7.46 14.16 9.24
CA LEU D 179 -6.01 14.41 9.37
C LEU D 179 -5.36 13.09 9.76
N CYS D 180 -4.66 12.52 8.80
CA CYS D 180 -4.06 11.19 8.90
C CYS D 180 -2.57 11.35 9.24
N ASP D 181 -1.71 10.41 8.85
CA ASP D 181 -0.28 10.47 9.26
C ASP D 181 0.51 9.74 8.19
N ALA D 182 1.43 10.46 7.54
CA ALA D 182 2.22 9.87 6.43
C ALA D 182 3.11 8.72 6.88
N MET D 183 3.42 8.68 8.16
CA MET D 183 4.33 7.67 8.72
C MET D 183 3.62 6.46 9.34
N VAL D 184 2.37 6.26 8.98
CA VAL D 184 1.57 5.20 9.56
C VAL D 184 2.13 3.78 9.32
N ASP D 185 2.85 3.59 8.22
CA ASP D 185 3.51 2.30 7.96
C ASP D 185 4.98 2.23 8.39
N GLN D 186 5.49 3.31 8.97
CA GLN D 186 6.83 3.29 9.56
C GLN D 186 6.74 3.95 10.92
N PRO D 187 6.04 3.29 11.84
CA PRO D 187 5.57 4.02 13.02
C PRO D 187 6.65 4.32 14.09
N CSX D 188 6.40 5.33 14.91
CA CSX D 188 7.32 5.67 16.03
CB CSX D 188 6.83 6.92 16.74
SG CSX D 188 6.99 8.40 15.85
C CSX D 188 7.27 4.52 16.99
O CSX D 188 6.22 3.95 17.26
OD CSX D 188 8.46 8.53 15.68
N MET D 189 8.43 4.18 17.52
CA MET D 189 8.55 3.14 18.51
C MET D 189 7.69 3.40 19.77
N ALA D 190 6.93 2.39 20.20
CA ALA D 190 6.10 2.47 21.40
C ALA D 190 4.85 3.36 21.26
N PHE D 191 4.42 3.61 20.01
CA PHE D 191 3.23 4.40 19.75
C PHE D 191 2.14 3.51 19.15
N SER D 192 1.99 2.28 19.65
CA SER D 192 1.04 1.35 19.01
CA SER D 192 1.04 1.31 19.07
C SER D 192 -0.40 1.85 19.01
N LEU D 193 -0.93 2.36 20.13
CA LEU D 193 -2.34 2.77 20.13
C LEU D 193 -2.58 3.98 19.22
N TYR D 194 -1.67 4.94 19.26
CA TYR D 194 -1.73 6.07 18.33
C TYR D 194 -1.77 5.56 16.89
N ASN D 195 -0.84 4.67 16.57
CA ASN D 195 -0.71 4.17 15.19
C ASN D 195 -1.95 3.37 14.80
N MET D 196 -2.49 2.61 15.75
CA MET D 196 -3.76 1.89 15.51
C MET D 196 -4.89 2.86 15.21
N GLY D 197 -4.95 3.96 15.96
CA GLY D 197 -6.00 4.94 15.72
C GLY D 197 -5.87 5.58 14.35
N LYS D 198 -4.66 5.93 13.94
CA LYS D 198 -4.47 6.50 12.63
C LYS D 198 -4.77 5.52 11.49
N HIS D 199 -4.43 4.25 11.65
CA HIS D 199 -4.76 3.24 10.66
C HIS D 199 -6.27 3.10 10.57
N ALA D 200 -6.92 3.09 11.73
CA ALA D 200 -8.41 3.00 11.73
C ALA D 200 -8.99 4.21 10.97
N LEU D 201 -8.36 5.37 11.11
CA LEU D 201 -8.81 6.57 10.41
C LEU D 201 -8.69 6.48 8.88
N VAL D 202 -7.67 5.78 8.40
CA VAL D 202 -7.55 5.49 6.96
C VAL D 202 -8.74 4.63 6.53
N GLY D 203 -9.04 3.60 7.32
CA GLY D 203 -10.18 2.74 7.02
C GLY D 203 -11.47 3.51 7.02
N LEU D 204 -11.67 4.39 7.98
CA LEU D 204 -12.88 5.22 7.98
C LEU D 204 -12.95 6.10 6.74
N THR D 205 -11.84 6.77 6.42
CA THR D 205 -11.79 7.61 5.23
C THR D 205 -12.27 6.84 3.96
N GLN D 206 -11.73 5.64 3.77
CA GLN D 206 -12.10 4.83 2.62
C GLN D 206 -13.56 4.30 2.68
N SER D 207 -13.94 3.73 3.83
CA SER D 207 -15.30 3.20 4.04
C SER D 207 -16.37 4.27 3.89
N ALA D 208 -16.13 5.43 4.52
CA ALA D 208 -17.09 6.53 4.40
C ALA D 208 -17.13 7.14 3.01
N ALA D 209 -15.97 7.24 2.35
CA ALA D 209 -15.98 7.71 0.95
C ALA D 209 -16.93 6.83 0.09
N LEU D 210 -16.80 5.53 0.24
CA LEU D 210 -17.64 4.59 -0.51
CA LEU D 210 -17.65 4.59 -0.50
C LEU D 210 -19.11 4.74 -0.14
N GLU D 211 -19.39 4.79 1.15
CA GLU D 211 -20.75 4.79 1.61
C GLU D 211 -21.49 6.12 1.41
N LEU D 212 -20.77 7.22 1.51
CA LEU D 212 -21.40 8.54 1.42
C LEU D 212 -21.39 9.10 0.01
N ALA D 213 -20.72 8.42 -0.94
CA ALA D 213 -20.64 8.95 -2.30
C ALA D 213 -22.04 9.16 -2.93
N PRO D 214 -23.00 8.26 -2.66
CA PRO D 214 -24.36 8.44 -3.18
C PRO D 214 -25.04 9.72 -2.70
N TYR D 215 -24.59 10.23 -1.56
CA TYR D 215 -25.12 11.47 -1.03
C TYR D 215 -24.32 12.69 -1.49
N GLY D 216 -23.33 12.49 -2.35
CA GLY D 216 -22.51 13.58 -2.82
C GLY D 216 -21.54 14.10 -1.79
N ILE D 217 -21.29 13.34 -0.74
CA ILE D 217 -20.33 13.77 0.31
C ILE D 217 -18.99 13.07 0.02
N ARG D 218 -17.96 13.84 -0.25
CA ARG D 218 -16.61 13.30 -0.51
C ARG D 218 -15.88 13.18 0.84
N VAL D 219 -14.96 12.22 0.94
CA VAL D 219 -14.25 11.94 2.22
C VAL D 219 -12.81 11.68 1.86
N ASN D 220 -11.91 12.55 2.34
CA ASN D 220 -10.53 12.49 1.96
C ASN D 220 -9.68 12.70 3.21
N GLY D 221 -8.38 12.51 3.04
CA GLY D 221 -7.39 12.73 4.07
C GLY D 221 -6.24 13.58 3.64
N VAL D 222 -5.63 14.20 4.63
CA VAL D 222 -4.33 14.87 4.51
C VAL D 222 -3.39 14.25 5.55
N ALA D 223 -2.21 13.83 5.11
CA ALA D 223 -1.26 13.06 5.93
C ALA D 223 0.09 13.80 6.07
N PRO D 224 0.21 14.60 7.11
CA PRO D 224 1.49 15.25 7.39
C PRO D 224 2.55 14.21 7.73
N GLY D 225 3.81 14.57 7.52
CA GLY D 225 4.94 13.76 8.00
C GLY D 225 5.37 14.39 9.31
N VAL D 226 6.28 15.34 9.25
CA VAL D 226 6.47 16.26 10.38
C VAL D 226 6.08 17.66 9.97
N SER D 227 5.17 18.23 10.75
CA SER D 227 4.77 19.61 10.69
C SER D 227 5.16 20.19 12.04
N LEU D 228 4.30 20.95 12.69
CA LEU D 228 4.67 21.57 13.94
C LEU D 228 5.00 20.50 14.92
N LEU D 229 6.23 20.50 15.42
CA LEU D 229 6.66 19.46 16.32
C LEU D 229 6.07 19.66 17.72
N PRO D 230 5.93 18.59 18.50
CA PRO D 230 5.28 18.66 19.79
C PRO D 230 5.95 19.69 20.70
N VAL D 231 5.15 20.47 21.41
CA VAL D 231 5.70 21.49 22.31
C VAL D 231 6.67 20.88 23.34
N ALA D 232 6.38 19.67 23.79
CA ALA D 232 7.24 19.03 24.80
C ALA D 232 8.53 18.41 24.23
N MET D 233 8.69 18.36 22.91
CA MET D 233 9.93 17.84 22.34
C MET D 233 11.10 18.84 22.52
N GLY D 234 12.26 18.35 22.89
CA GLY D 234 13.44 19.24 23.03
C GLY D 234 13.88 19.67 21.65
N GLU D 235 14.55 20.83 21.56
CA GLU D 235 15.01 21.36 20.29
C GLU D 235 16.04 20.49 19.57
N GLU D 236 16.86 19.77 20.32
CA GLU D 236 17.80 18.82 19.74
C GLU D 236 17.05 17.70 18.99
N GLU D 237 16.03 17.15 19.65
CA GLU D 237 15.21 16.12 19.01
C GLU D 237 14.43 16.67 17.81
N LYS D 238 13.90 17.89 17.92
CA LYS D 238 13.24 18.51 16.79
C LYS D 238 14.17 18.65 15.60
N ASP D 239 15.38 19.13 15.84
CA ASP D 239 16.34 19.32 14.75
C ASP D 239 16.72 18.01 14.08
N LYS D 240 16.73 16.94 14.85
CA LYS D 240 17.00 15.61 14.30
C LYS D 240 15.91 15.18 13.27
N TRP D 241 14.65 15.44 13.58
CA TRP D 241 13.57 15.13 12.64
C TRP D 241 13.62 15.99 11.41
N ARG D 242 13.82 17.29 11.59
CA ARG D 242 13.96 18.21 10.47
C ARG D 242 15.01 17.79 9.47
N ARG D 243 16.15 17.33 9.98
CA ARG D 243 17.24 16.94 9.14
C ARG D 243 16.93 15.70 8.29
N LYS D 244 15.89 14.96 8.65
CA LYS D 244 15.51 13.80 7.87
C LYS D 244 14.67 14.10 6.64
N VAL D 245 14.06 15.27 6.58
CA VAL D 245 13.08 15.60 5.51
C VAL D 245 13.85 15.95 4.24
N PRO D 246 13.68 15.17 3.18
CA PRO D 246 14.40 15.48 1.92
C PRO D 246 14.15 16.90 1.39
N LEU D 247 12.91 17.34 1.35
CA LEU D 247 12.58 18.59 0.70
C LEU D 247 12.77 19.72 1.70
N GLY D 248 13.98 20.26 1.74
CA GLY D 248 14.28 21.45 2.56
C GLY D 248 14.75 21.23 3.99
N ARG D 249 14.82 19.98 4.44
CA ARG D 249 15.32 19.65 5.79
C ARG D 249 14.64 20.52 6.85
N ARG D 250 13.32 20.61 6.72
CA ARG D 250 12.50 21.37 7.64
C ARG D 250 11.12 20.73 7.70
N GLU D 251 10.41 21.04 8.78
CA GLU D 251 9.03 20.59 8.95
C GLU D 251 8.08 21.42 8.12
N ALA D 252 6.90 20.88 7.88
CA ALA D 252 5.87 21.64 7.22
C ALA D 252 5.31 22.70 8.15
N SER D 253 5.05 23.89 7.62
CA SER D 253 4.24 24.83 8.38
C SER D 253 2.82 24.30 8.52
N ALA D 254 2.11 24.78 9.53
CA ALA D 254 0.70 24.46 9.66
C ALA D 254 -0.06 24.95 8.43
N GLU D 255 0.37 26.09 7.87
CA GLU D 255 -0.34 26.63 6.71
C GLU D 255 -0.19 25.74 5.46
N GLN D 256 0.98 25.13 5.29
CA GLN D 256 1.19 24.17 4.18
C GLN D 256 0.27 22.96 4.34
N ILE D 257 0.07 22.52 5.57
CA ILE D 257 -0.93 21.45 5.80
C ILE D 257 -2.32 21.94 5.45
N ALA D 258 -2.67 23.15 5.92
CA ALA D 258 -3.99 23.70 5.63
C ALA D 258 -4.25 23.86 4.12
N ASP D 259 -3.21 24.21 3.35
CA ASP D 259 -3.34 24.35 1.88
C ASP D 259 -3.92 23.09 1.22
N ALA D 260 -3.51 21.91 1.68
CA ALA D 260 -4.05 20.65 1.14
C ALA D 260 -5.50 20.43 1.55
N VAL D 261 -5.87 20.84 2.77
CA VAL D 261 -7.26 20.79 3.19
C VAL D 261 -8.13 21.67 2.31
N ILE D 262 -7.69 22.92 2.12
CA ILE D 262 -8.40 23.85 1.22
C ILE D 262 -8.59 23.27 -0.19
N PHE D 263 -7.54 22.67 -0.74
CA PHE D 263 -7.68 22.00 -2.06
C PHE D 263 -8.79 20.95 -2.03
N LEU D 264 -8.71 20.04 -1.05
CA LEU D 264 -9.68 18.94 -1.00
C LEU D 264 -11.10 19.41 -0.82
N VAL D 265 -11.32 20.52 -0.12
CA VAL D 265 -12.70 20.97 0.07
C VAL D 265 -13.20 21.78 -1.12
N SER D 266 -12.28 22.19 -1.99
CA SER D 266 -12.61 23.07 -3.10
C SER D 266 -13.30 22.38 -4.25
N GLY D 267 -13.80 23.23 -5.15
CA GLY D 267 -14.35 22.77 -6.42
C GLY D 267 -13.33 22.13 -7.34
N SER D 268 -12.04 22.34 -7.08
CA SER D 268 -11.00 21.72 -7.89
C SER D 268 -10.71 20.28 -7.50
N ALA D 269 -11.43 19.77 -6.49
CA ALA D 269 -11.32 18.37 -6.02
C ALA D 269 -12.68 17.66 -6.09
N GLN D 270 -13.56 18.13 -6.98
CA GLN D 270 -14.93 17.58 -7.05
C GLN D 270 -15.08 16.10 -7.36
N TYR D 271 -14.09 15.51 -8.03
CA TYR D 271 -14.10 14.08 -8.32
C TYR D 271 -13.20 13.27 -7.41
N ILE D 272 -12.59 13.93 -6.42
CA ILE D 272 -11.67 13.26 -5.48
C ILE D 272 -12.41 12.81 -4.23
N THR D 273 -12.42 11.50 -4.02
CA THR D 273 -12.97 10.92 -2.80
C THR D 273 -12.22 9.62 -2.51
N GLY D 274 -11.97 9.40 -1.22
CA GLY D 274 -11.25 8.27 -0.73
C GLY D 274 -9.74 8.44 -0.88
N SER D 275 -9.27 9.65 -1.12
CA SER D 275 -7.85 9.88 -1.40
C SER D 275 -7.19 10.49 -0.17
N ILE D 276 -5.95 10.09 0.12
CA ILE D 276 -5.19 10.65 1.22
C ILE D 276 -3.91 11.24 0.69
N ILE D 277 -3.79 12.56 0.79
CA ILE D 277 -2.70 13.28 0.19
C ILE D 277 -1.61 13.44 1.27
N LYS D 278 -0.45 12.86 1.03
CA LYS D 278 0.72 13.10 1.91
C LYS D 278 1.19 14.51 1.67
N VAL D 279 1.55 15.21 2.76
CA VAL D 279 2.18 16.49 2.72
C VAL D 279 3.37 16.35 3.66
N ASP D 280 4.42 15.70 3.16
CA ASP D 280 5.50 15.22 4.03
C ASP D 280 6.92 15.53 3.56
N GLY D 281 7.07 16.34 2.53
CA GLY D 281 8.39 16.63 1.98
C GLY D 281 9.27 15.42 1.64
N GLY D 282 8.63 14.29 1.36
CA GLY D 282 9.33 13.05 1.06
C GLY D 282 9.75 12.19 2.24
N LEU D 283 9.39 12.58 3.46
CA LEU D 283 9.89 11.88 4.66
C LEU D 283 9.57 10.39 4.64
N SER D 284 8.34 10.05 4.24
CA SER D 284 7.89 8.66 4.24
C SER D 284 8.67 7.79 3.23
N LEU D 285 9.40 8.42 2.33
CA LEU D 285 10.20 7.72 1.31
C LEU D 285 11.61 7.34 1.76
N VAL D 286 12.03 7.84 2.91
CA VAL D 286 13.40 7.67 3.38
C VAL D 286 13.55 6.40 4.18
N HIS D 287 14.46 5.53 3.74
CA HIS D 287 14.70 4.27 4.45
C HIS D 287 15.47 4.54 5.76
N ALA D 288 15.49 3.54 6.62
CA ALA D 288 16.12 3.64 7.90
C ALA D 288 17.59 3.85 7.72
PA NAP E . 22.59 -10.92 -7.18
O1A NAP E . 23.68 -11.78 -6.58
O2A NAP E . 22.74 -9.43 -7.26
O5B NAP E . 22.23 -11.37 -8.68
C5B NAP E . 21.72 -12.68 -8.93
C4B NAP E . 22.12 -13.15 -10.31
O4B NAP E . 21.56 -12.32 -11.30
C3B NAP E . 23.61 -13.06 -10.63
O3B NAP E . 24.29 -14.20 -10.08
C2B NAP E . 23.63 -12.98 -12.16
O2B NAP E . 24.06 -14.20 -12.74
C1B NAP E . 22.15 -12.66 -12.51
N9A NAP E . 22.14 -11.57 -13.48
C8A NAP E . 22.55 -10.30 -13.31
N7A NAP E . 22.51 -9.60 -14.47
C5A NAP E . 22.05 -10.50 -15.40
C6A NAP E . 21.77 -10.47 -16.84
N6A NAP E . 21.99 -9.34 -17.51
N1A NAP E . 21.31 -11.59 -17.41
C2A NAP E . 21.09 -12.70 -16.72
N3A NAP E . 21.31 -12.84 -15.40
C4A NAP E . 21.82 -11.77 -14.73
O3 NAP E . 21.19 -11.32 -6.47
PN NAP E . 20.91 -11.66 -4.93
O1N NAP E . 21.22 -13.10 -4.80
O2N NAP E . 21.61 -10.68 -4.06
O5D NAP E . 19.32 -11.43 -4.83
C5D NAP E . 18.49 -12.44 -5.41
C4D NAP E . 17.16 -11.77 -5.70
O4D NAP E . 16.64 -11.22 -4.47
C3D NAP E . 17.26 -10.58 -6.67
O3D NAP E . 16.07 -10.54 -7.47
C2D NAP E . 17.28 -9.37 -5.77
O2D NAP E . 16.83 -8.16 -6.43
C1D NAP E . 16.40 -9.83 -4.60
N1N NAP E . 16.79 -9.08 -3.38
C2N NAP E . 17.99 -9.31 -2.81
C3N NAP E . 18.40 -8.60 -1.70
C7N NAP E . 19.70 -8.83 -0.98
O7N NAP E . 19.79 -8.37 0.16
N7N NAP E . 20.69 -9.48 -1.57
C4N NAP E . 17.57 -7.60 -1.22
C5N NAP E . 16.33 -7.35 -1.82
C6N NAP E . 15.96 -8.10 -2.91
P2B NAP E . 25.65 -14.51 -13.05
O1X NAP E . 26.17 -13.54 -14.05
O2X NAP E . 25.52 -15.91 -13.56
O3X NAP E . 26.33 -14.45 -11.72
CAA FDB F . 21.34 -5.72 -1.42
NAB FDB F . 20.01 -8.08 -7.49
OAC FDB F . 22.67 -7.46 -3.80
CAD FDB F . 19.12 -5.28 -2.58
NAE FDB F . 19.15 -6.82 -5.72
NAF FDB F . 18.50 -5.56 -3.75
NAG FDB F . 21.33 -7.75 -5.55
CAH FDB F . 20.34 -5.84 -2.60
CAI FDB F . 20.13 -7.54 -6.28
CAJ FDB F . 21.54 -7.22 -4.31
CAK FDB F . 19.34 -6.30 -4.47
CAL FDB F . 20.52 -6.49 -3.77
PA NAP G . -16.25 -15.73 13.08
O1A NAP G . -16.84 -17.11 12.99
O2A NAP G . -17.06 -14.62 12.46
O5B NAP G . -15.84 -15.33 14.54
C5B NAP G . -14.92 -16.18 15.26
C4B NAP G . -15.23 -16.13 16.74
O4B NAP G . -15.11 -14.80 17.25
C3B NAP G . -16.67 -16.48 17.12
O3B NAP G . -16.83 -17.89 17.12
C2B NAP G . -16.78 -15.83 18.50
O2B NAP G . -16.71 -16.78 19.55
C1B NAP G . -15.61 -14.80 18.54
N9A NAP G . -16.14 -13.54 19.02
C8A NAP G . -17.06 -12.77 18.42
N7A NAP G . -17.39 -11.74 19.20
C5A NAP G . -16.70 -11.87 20.36
C6A NAP G . -16.58 -11.14 21.64
N6A NAP G . -17.30 -10.04 21.90
N1A NAP G . -15.71 -11.61 22.55
C2A NAP G . -14.98 -12.71 22.34
N3A NAP G . -15.03 -13.43 21.21
C4A NAP G . -15.87 -13.06 20.22
O3 NAP G . -14.79 -15.72 12.40
PN NAP G . -14.27 -16.51 11.12
O1N NAP G . -13.89 -17.88 11.56
O2N NAP G . -15.26 -16.35 10.01
O5D NAP G . -12.92 -15.68 10.76
C5D NAP G . -11.76 -15.83 11.62
C4D NAP G . -10.87 -14.63 11.46
O4D NAP G . -10.53 -14.49 10.07
C3D NAP G . -11.55 -13.35 11.90
O3D NAP G . -10.61 -12.46 12.54
C2D NAP G . -12.03 -12.75 10.61
O2D NAP G . -12.35 -11.35 10.62
C1D NAP G . -10.93 -13.20 9.62
N1N NAP G . -11.47 -13.23 8.28
C2N NAP G . -12.41 -14.16 7.94
C3N NAP G . -13.00 -14.16 6.68
C7N NAP G . -13.99 -15.21 6.25
O7N NAP G . -14.16 -15.36 5.05
N7N NAP G . -14.61 -15.95 7.17
C4N NAP G . -12.61 -13.22 5.74
C5N NAP G . -11.66 -12.27 6.13
C6N NAP G . -11.12 -12.30 7.40
P2B NAP G . -17.96 -17.58 20.22
O1X NAP G . -18.89 -16.55 20.79
O2X NAP G . -17.28 -18.41 21.27
O3X NAP G . -18.58 -18.33 19.06
CAA FDB H . -16.84 -13.18 5.55
NAB FDB H . -15.20 -12.18 11.87
OAC FDB H . -17.46 -14.24 8.55
CAD FDB H . -15.14 -11.43 6.24
NAE FDB H . -14.78 -11.50 9.72
NAF FDB H . -14.58 -10.98 7.37
NAG FDB H . -16.32 -13.23 10.14
CAH FDB H . -15.99 -12.40 6.59
CAI FDB H . -15.42 -12.27 10.60
CAJ FDB H . -16.62 -13.36 8.83
CAK FDB H . -15.08 -11.65 8.40
CAL FDB H . -15.98 -12.56 7.93
PA NAP I . -4.40 8.53 -24.39
O1A NAP I . -5.39 9.42 -25.16
O2A NAP I . -4.61 7.03 -24.37
O5B NAP I . -2.88 8.81 -24.86
C5B NAP I . -2.36 10.11 -24.77
C4B NAP I . -1.34 10.39 -25.86
O4B NAP I . -0.23 9.53 -25.65
C3B NAP I . -1.77 10.09 -27.30
O3B NAP I . -2.53 11.21 -27.76
C2B NAP I . -0.44 9.88 -28.00
O2B NAP I . -0.04 11.00 -28.81
C1B NAP I . 0.55 9.62 -26.80
N9A NAP I . 1.30 8.41 -27.12
C8A NAP I . 0.85 7.15 -27.24
N7A NAP I . 1.82 6.36 -27.68
C5A NAP I . 2.92 7.11 -27.85
C6A NAP I . 4.31 6.95 -28.32
N6A NAP I . 4.81 5.78 -28.72
N1A NAP I . 5.09 8.02 -28.36
C2A NAP I . 4.66 9.24 -27.98
N3A NAP I . 3.44 9.50 -27.54
C4A NAP I . 2.56 8.47 -27.48
O3 NAP I . -4.30 9.12 -22.89
PN NAP I . -5.51 9.63 -21.96
O1N NAP I . -5.71 11.05 -22.27
O2N NAP I . -6.68 8.67 -22.01
O5D NAP I . -4.85 9.44 -20.50
C5D NAP I . -3.83 10.40 -20.17
C4D NAP I . -2.94 9.83 -19.06
O4D NAP I . -3.79 9.46 -17.96
C3D NAP I . -2.20 8.57 -19.47
O3D NAP I . -0.88 8.53 -18.85
C2D NAP I . -3.08 7.47 -18.92
O2D NAP I . -2.43 6.19 -18.74
C1D NAP I . -3.63 8.09 -17.64
N1N NAP I . -4.91 7.48 -17.27
C2N NAP I . -5.99 7.72 -18.05
C3N NAP I . -7.17 7.12 -17.77
C7N NAP I . -8.42 7.36 -18.59
O7N NAP I . -9.48 6.98 -18.11
N7N NAP I . -8.35 7.89 -19.81
C4N NAP I . -7.24 6.22 -16.72
C5N NAP I . -6.15 5.94 -15.95
C6N NAP I . -4.98 6.61 -16.24
P2B NAP I . -0.56 11.20 -30.37
O1X NAP I . 0.11 12.50 -30.65
O2X NAP I . -2.06 11.15 -30.26
O3X NAP I . 0.06 10.04 -31.11
CAA FDB J . -9.15 4.08 -19.78
NAB FDB J . -3.11 5.79 -22.04
OAC FDB J . -7.63 5.46 -22.39
CAD FDB J . -7.04 3.70 -18.47
NAE FDB J . -4.25 4.82 -20.27
NAF FDB J . -5.72 3.88 -18.59
NAG FDB J . -5.41 5.61 -22.16
CAH FDB J . -7.60 4.16 -19.60
CAI FDB J . -4.22 5.40 -21.48
CAJ FDB J . -6.65 5.23 -21.65
CAK FDB J . -5.46 4.48 -19.76
CAL FDB J . -6.67 4.66 -20.41
PA NAP K . -2.07 18.45 18.44
O1A NAP K . -1.62 19.86 18.67
O2A NAP K . -1.26 17.35 19.05
O5B NAP K . -3.56 18.19 18.89
C5B NAP K . -4.55 19.07 18.38
C4B NAP K . -5.67 19.22 19.37
O4B NAP K . -6.24 17.95 19.63
C3B NAP K . -5.31 19.74 20.77
O3B NAP K . -5.07 21.16 20.70
C2B NAP K . -6.49 19.27 21.61
O2B NAP K . -7.41 20.31 21.93
C1B NAP K . -7.15 18.17 20.69
N9A NAP K . -7.35 17.02 21.55
C8A NAP K . -6.39 16.26 22.12
N7A NAP K . -6.95 15.34 22.93
C5A NAP K . -8.30 15.56 22.89
C6A NAP K . -9.52 15.02 23.53
N6A NAP K . -9.43 14.01 24.39
N1A NAP K . -10.70 15.54 23.19
C2A NAP K . -10.84 16.54 22.33
N3A NAP K . -9.80 17.14 21.70
C4A NAP K . -8.55 16.66 21.97
O3 NAP K . -2.17 18.24 16.84
PN NAP K . -1.28 18.82 15.67
O1N NAP K . -1.73 20.19 15.40
O2N NAP K . 0.17 18.60 15.98
O5D NAP K . -1.68 17.82 14.47
C5D NAP K . -2.92 18.06 13.79
C4D NAP K . -3.42 16.75 13.18
O4D NAP K . -2.43 16.36 12.23
C3D NAP K . -3.51 15.59 14.16
O3D NAP K . -4.64 14.78 13.77
C2D NAP K . -2.23 14.84 13.99
O2D NAP K . -2.27 13.44 14.29
C1D NAP K . -1.91 15.08 12.52
N1N NAP K . -0.48 15.00 12.33
C2N NAP K . 0.34 15.97 12.86
C3N NAP K . 1.69 15.87 12.72
C7N NAP K . 2.62 16.94 13.26
O7N NAP K . 3.77 16.94 12.86
N7N NAP K . 2.22 17.86 14.13
C4N NAP K . 2.24 14.77 12.05
C5N NAP K . 1.41 13.75 11.57
C6N NAP K . 0.04 13.89 11.71
P2B NAP K . -7.17 21.36 23.19
O1X NAP K . -7.20 20.47 24.43
O2X NAP K . -8.34 22.30 23.07
O3X NAP K . -5.84 21.94 22.99
CAA FDB L . 4.59 15.07 15.58
NAB FDB L . -1.85 14.72 17.44
OAC FDB L . 2.34 16.57 17.53
CAD FDB L . 3.02 13.28 14.68
NAE FDB L . -0.15 13.76 16.15
NAF FDB L . 1.71 12.91 14.81
NAG FDB L . 0.32 15.65 17.46
CAH FDB L . 3.21 14.35 15.47
CAI FDB L . -0.59 14.68 17.02
CAJ FDB L . 1.64 15.65 17.03
CAK FDB L . 1.12 13.77 15.67
CAL FDB L . 2.05 14.69 16.13
#